data_7TM6
#
_entry.id   7TM6
#
_cell.length_a   44.243
_cell.length_b   115.220
_cell.length_c   183.266
_cell.angle_alpha   90.000
_cell.angle_beta   90.000
_cell.angle_gamma   90.000
#
_symmetry.space_group_name_H-M   'P 21 21 21'
#
loop_
_entity.id
_entity.type
_entity.pdbx_description
1 polymer '3-phosphoshikimate 1-carboxyvinyltransferase'
2 non-polymer SHIKIMATE-3-PHOSPHATE
3 non-polymer GLYPHOSATE
4 non-polymer 'PENTAETHYLENE GLYCOL'
5 water water
#
_entity_poly.entity_id   1
_entity_poly.type   'polypeptide(L)'
_entity_poly.pdbx_seq_one_letter_code
;MAHHHHHHMESLTLQPIARVEGTVNLPGSKSVSNRALLLAALARGTTVLTNLLDSDDVRHMLNALSALGVQYTLSADRTR
CEVTGNGGPLRSAAALELFLGNAGTAMRPLAAALCLGSNDIVLTGEPRMKERPIGHLVDALRQGGAQIDCLEQENYPPLR
LRGGFQGGNVEVDGSVSSQFLTALLMTAPLAPQDTVIVIKGDLVSKPYIDITLHLMKTFGVEVDNQSYQRFVVRGKQQYQ
SPGDYLVEGDASSASYFLAAGAIKGGTVKVTGIGRNSVQGDIRFADVLEKMGATVTWGDDFIACTHGELKAVDMDMNHIP
DAAMTIATAALFAQGTTTLRNIYNWRVKETDRLFAMATELRKVGAEVEEGEDYIRITPPAKLKYAEIGTYNDHRMAMCFS
LVALSDTPVTILDPKCTAKTFPDYFEQLARISTLA
;
_entity_poly.pdbx_strand_id   A,B
#
# COMPACT_ATOMS: atom_id res chain seq x y z
N GLU A 10 17.81 43.21 -8.39
CA GLU A 10 16.36 43.29 -8.55
C GLU A 10 15.66 42.53 -7.43
N SER A 11 14.50 43.02 -7.05
CA SER A 11 13.72 42.39 -6.01
C SER A 11 12.24 42.71 -6.22
N LEU A 12 11.39 41.87 -5.65
CA LEU A 12 9.95 42.08 -5.66
C LEU A 12 9.43 41.88 -4.25
N THR A 13 8.75 42.87 -3.70
CA THR A 13 8.14 42.75 -2.39
C THR A 13 6.68 42.39 -2.58
N LEU A 14 6.26 41.29 -1.97
CA LEU A 14 4.88 40.85 -1.98
C LEU A 14 4.24 41.32 -0.69
N GLN A 15 3.21 42.14 -0.84
CA GLN A 15 2.45 42.64 0.29
C GLN A 15 1.53 41.54 0.84
N PRO A 16 1.17 41.61 2.12
CA PRO A 16 0.35 40.55 2.71
C PRO A 16 -0.96 40.38 1.96
N ILE A 17 -1.32 39.11 1.76
CA ILE A 17 -2.48 38.69 0.98
C ILE A 17 -3.51 38.14 1.95
N ALA A 18 -4.69 38.76 1.98
CA ALA A 18 -5.75 38.35 2.89
C ALA A 18 -6.52 37.14 2.41
N ARG A 19 -6.60 36.92 1.09
CA ARG A 19 -7.40 35.83 0.56
C ARG A 19 -6.92 35.52 -0.84
N VAL A 20 -6.92 34.23 -1.19
CA VAL A 20 -6.73 33.81 -2.56
C VAL A 20 -7.94 33.00 -3.00
N GLU A 21 -8.34 33.19 -4.24
CA GLU A 21 -9.42 32.39 -4.80
C GLU A 21 -9.47 32.64 -6.29
N GLY A 22 -9.92 31.65 -7.03
CA GLY A 22 -10.16 31.81 -8.44
C GLY A 22 -9.67 30.61 -9.22
N THR A 23 -9.43 30.82 -10.51
CA THR A 23 -9.10 29.75 -11.44
C THR A 23 -7.88 30.16 -12.23
N VAL A 24 -6.88 29.28 -12.28
CA VAL A 24 -5.63 29.51 -12.99
C VAL A 24 -5.58 28.52 -14.16
N ASN A 25 -5.46 29.06 -15.37
CA ASN A 25 -5.24 28.27 -16.57
C ASN A 25 -3.73 28.03 -16.69
N LEU A 26 -3.29 26.81 -16.50
CA LEU A 26 -1.87 26.57 -16.29
C LEU A 26 -1.08 26.72 -17.59
N PRO A 27 0.13 27.24 -17.53
CA PRO A 27 1.05 27.12 -18.67
C PRO A 27 1.46 25.66 -18.84
N GLY A 28 2.05 25.35 -19.99
CA GLY A 28 2.41 23.98 -20.29
C GLY A 28 3.45 23.40 -19.35
N SER A 29 3.44 22.08 -19.27
CA SER A 29 4.42 21.32 -18.52
C SER A 29 5.80 21.40 -19.17
N LYS A 30 6.80 21.78 -18.37
CA LYS A 30 8.19 21.75 -18.84
C LYS A 30 8.63 20.34 -19.20
N SER A 31 8.33 19.37 -18.33
CA SER A 31 8.77 17.99 -18.54
C SER A 31 8.18 17.41 -19.82
N VAL A 32 6.88 17.61 -20.01
CA VAL A 32 6.21 17.11 -21.20
C VAL A 32 6.69 17.88 -22.44
N SER A 33 6.80 19.20 -22.32
CA SER A 33 7.20 20.02 -23.47
C SER A 33 8.53 19.57 -24.05
N ASN A 34 9.54 19.38 -23.19
CA ASN A 34 10.86 19.06 -23.75
C ASN A 34 10.93 17.62 -24.27
N ARG A 35 10.21 16.67 -23.64
CA ARG A 35 10.13 15.35 -24.25
C ARG A 35 9.42 15.39 -25.60
N ALA A 36 8.28 16.10 -25.66
CA ALA A 36 7.50 16.12 -26.89
C ALA A 36 8.27 16.79 -28.02
N LEU A 37 9.02 17.85 -27.72
CA LEU A 37 9.81 18.50 -28.77
C LEU A 37 10.87 17.56 -29.33
N LEU A 38 11.59 16.85 -28.43
CA LEU A 38 12.63 15.95 -28.93
C LEU A 38 12.03 14.80 -29.72
N LEU A 39 10.98 14.19 -29.20
CA LEU A 39 10.34 13.09 -29.91
C LEU A 39 9.77 13.54 -31.24
N ALA A 40 9.16 14.73 -31.27
CA ALA A 40 8.64 15.24 -32.53
C ALA A 40 9.77 15.48 -33.53
N ALA A 41 10.92 15.96 -33.06
CA ALA A 41 12.04 16.18 -33.93
C ALA A 41 12.58 14.89 -34.52
N LEU A 42 12.55 13.81 -33.74
CA LEU A 42 13.05 12.52 -34.21
C LEU A 42 12.05 11.79 -35.09
N ALA A 43 10.76 12.02 -34.87
CA ALA A 43 9.72 11.19 -35.47
C ALA A 43 9.58 11.41 -36.98
N ARG A 44 8.95 10.42 -37.61
CA ARG A 44 8.42 10.58 -38.95
CA ARG A 44 8.44 10.58 -38.96
C ARG A 44 7.09 11.30 -38.87
N GLY A 45 6.91 12.32 -39.70
CA GLY A 45 5.67 13.07 -39.75
C GLY A 45 5.80 14.42 -39.07
N THR A 46 4.74 15.21 -39.23
CA THR A 46 4.67 16.54 -38.66
C THR A 46 3.76 16.53 -37.44
N THR A 47 4.31 16.94 -36.30
CA THR A 47 3.58 17.00 -35.05
C THR A 47 3.21 18.44 -34.75
N VAL A 48 1.98 18.65 -34.31
CA VAL A 48 1.52 19.94 -33.84
C VAL A 48 1.33 19.85 -32.34
N LEU A 49 2.16 20.59 -31.60
CA LEU A 49 2.08 20.67 -30.15
C LEU A 49 1.25 21.88 -29.74
N THR A 50 0.27 21.66 -28.88
CA THR A 50 -0.58 22.70 -28.31
C THR A 50 -0.29 22.83 -26.82
N ASN A 51 -0.32 24.08 -26.34
CA ASN A 51 -0.04 24.39 -24.94
C ASN A 51 1.41 24.10 -24.57
N LEU A 52 2.31 24.20 -25.54
CA LEU A 52 3.73 24.16 -25.23
C LEU A 52 4.08 25.27 -24.25
N LEU A 53 4.98 24.98 -23.31
CA LEU A 53 5.44 25.99 -22.37
C LEU A 53 6.44 26.94 -23.05
N ASP A 54 6.27 28.24 -22.84
CA ASP A 54 7.30 29.23 -23.12
C ASP A 54 8.06 29.56 -21.84
N SER A 55 9.27 29.05 -21.73
CA SER A 55 10.10 29.31 -20.55
C SER A 55 11.55 29.07 -20.98
N ASP A 56 12.50 29.39 -20.10
CA ASP A 56 13.90 29.27 -20.50
C ASP A 56 14.24 27.83 -20.89
N ASP A 57 13.82 26.85 -20.08
CA ASP A 57 14.22 25.47 -20.34
C ASP A 57 13.73 24.99 -21.71
N VAL A 58 12.50 25.40 -22.07
CA VAL A 58 11.96 25.02 -23.38
C VAL A 58 12.66 25.81 -24.48
N ARG A 59 12.93 27.09 -24.26
CA ARG A 59 13.63 27.88 -25.26
CA ARG A 59 13.64 27.88 -25.25
CA ARG A 59 13.64 27.89 -25.24
C ARG A 59 15.00 27.27 -25.57
N HIS A 60 15.71 26.79 -24.55
CA HIS A 60 17.02 26.19 -24.81
C HIS A 60 16.89 24.93 -25.66
N MET A 61 15.85 24.11 -25.40
CA MET A 61 15.60 22.97 -26.29
C MET A 61 15.28 23.42 -27.72
N LEU A 62 14.36 24.38 -27.86
CA LEU A 62 14.02 24.87 -29.19
C LEU A 62 15.25 25.38 -29.94
N ASN A 63 16.08 26.15 -29.26
CA ASN A 63 17.27 26.71 -29.91
C ASN A 63 18.23 25.61 -30.32
N ALA A 64 18.40 24.57 -29.47
CA ALA A 64 19.26 23.47 -29.84
C ALA A 64 18.72 22.74 -31.06
N LEU A 65 17.42 22.46 -31.07
CA LEU A 65 16.82 21.78 -32.21
C LEU A 65 17.01 22.60 -33.49
N SER A 66 16.81 23.92 -33.42
CA SER A 66 17.04 24.78 -34.57
CA SER A 66 17.03 24.75 -34.59
C SER A 66 18.48 24.66 -35.04
N ALA A 67 19.44 24.72 -34.11
CA ALA A 67 20.84 24.66 -34.50
C ALA A 67 21.19 23.33 -35.16
N LEU A 68 20.46 22.29 -34.80
CA LEU A 68 20.67 20.95 -35.32
C LEU A 68 19.91 20.72 -36.61
N GLY A 69 19.26 21.74 -37.15
CA GLY A 69 18.61 21.63 -38.44
C GLY A 69 17.15 21.20 -38.41
N VAL A 70 16.56 21.08 -37.23
CA VAL A 70 15.15 20.69 -37.15
C VAL A 70 14.30 21.86 -37.62
N GLN A 71 13.33 21.57 -38.48
CA GLN A 71 12.43 22.58 -39.00
C GLN A 71 11.15 22.61 -38.18
N TYR A 72 10.82 23.78 -37.65
CA TYR A 72 9.57 23.93 -36.93
C TYR A 72 9.13 25.39 -37.01
N THR A 73 7.85 25.60 -36.74
CA THR A 73 7.29 26.93 -36.63
CA THR A 73 7.29 26.94 -36.62
C THR A 73 6.64 27.10 -35.26
N LEU A 74 6.72 28.30 -34.72
CA LEU A 74 6.09 28.67 -33.46
C LEU A 74 5.03 29.72 -33.72
N SER A 75 3.93 29.64 -32.98
CA SER A 75 2.95 30.69 -33.00
C SER A 75 3.54 31.96 -32.36
N ALA A 76 2.80 33.06 -32.51
CA ALA A 76 3.24 34.32 -31.94
C ALA A 76 3.55 34.19 -30.46
N ASP A 77 2.71 33.47 -29.71
CA ASP A 77 2.90 33.35 -28.26
C ASP A 77 3.77 32.18 -27.86
N ARG A 78 4.32 31.44 -28.83
CA ARG A 78 5.26 30.36 -28.61
C ARG A 78 4.64 29.16 -27.89
N THR A 79 3.32 29.06 -27.86
CA THR A 79 2.66 27.91 -27.24
C THR A 79 2.12 26.90 -28.24
N ARG A 80 2.12 27.20 -29.53
CA ARG A 80 1.77 26.23 -30.56
C ARG A 80 2.98 26.04 -31.45
N CYS A 81 3.40 24.79 -31.64
CA CYS A 81 4.63 24.50 -32.36
C CYS A 81 4.39 23.36 -33.34
N GLU A 82 4.66 23.62 -34.61
CA GLU A 82 4.51 22.60 -35.66
CA GLU A 82 4.51 22.61 -35.67
C GLU A 82 5.91 22.14 -36.03
N VAL A 83 6.23 20.89 -35.70
CA VAL A 83 7.56 20.31 -35.88
C VAL A 83 7.53 19.35 -37.06
N THR A 84 8.38 19.59 -38.06
CA THR A 84 8.60 18.62 -39.13
C THR A 84 9.62 17.60 -38.62
N GLY A 85 9.19 16.38 -38.43
CA GLY A 85 10.07 15.37 -37.90
C GLY A 85 11.15 14.99 -38.88
N ASN A 86 12.32 14.66 -38.34
CA ASN A 86 13.44 14.22 -39.15
CA ASN A 86 13.46 14.22 -39.14
C ASN A 86 13.30 12.78 -39.63
N GLY A 87 12.43 12.00 -39.01
CA GLY A 87 12.33 10.58 -39.34
C GLY A 87 13.59 9.82 -39.03
N GLY A 88 14.33 10.21 -38.01
CA GLY A 88 15.56 9.57 -37.66
C GLY A 88 16.42 10.46 -36.78
N PRO A 89 17.58 9.96 -36.40
CA PRO A 89 18.46 10.71 -35.50
C PRO A 89 18.81 12.07 -36.05
N LEU A 90 19.02 13.01 -35.15
CA LEU A 90 19.44 14.34 -35.57
C LEU A 90 20.85 14.31 -36.09
N ARG A 91 21.10 15.10 -37.13
CA ARG A 91 22.40 15.13 -37.78
C ARG A 91 22.82 16.57 -38.03
N SER A 92 24.09 16.84 -37.75
CA SER A 92 24.70 18.10 -38.13
C SER A 92 26.08 17.82 -38.69
N ALA A 93 26.42 18.50 -39.76
CA ALA A 93 27.75 18.42 -40.32
C ALA A 93 28.71 19.42 -39.69
N ALA A 94 28.25 20.26 -38.78
CA ALA A 94 29.08 21.30 -38.17
C ALA A 94 29.53 20.89 -36.77
N ALA A 95 30.71 21.36 -36.39
CA ALA A 95 31.26 21.13 -35.06
C ALA A 95 30.67 22.16 -34.10
N LEU A 96 29.43 21.93 -33.73
CA LEU A 96 28.63 22.87 -32.96
C LEU A 96 29.00 22.84 -31.47
N GLU A 97 28.70 23.95 -30.81
CA GLU A 97 28.62 24.02 -29.35
C GLU A 97 27.25 24.54 -29.00
N LEU A 98 26.48 23.77 -28.24
CA LEU A 98 25.12 24.13 -27.89
C LEU A 98 25.04 24.48 -26.41
N PHE A 99 24.52 25.66 -26.13
CA PHE A 99 24.34 26.16 -24.77
C PHE A 99 22.93 25.82 -24.29
N LEU A 100 22.83 25.11 -23.18
CA LEU A 100 21.56 24.56 -22.71
C LEU A 100 21.14 25.16 -21.36
N GLY A 101 21.65 26.33 -21.02
CA GLY A 101 21.23 26.98 -19.79
C GLY A 101 21.51 26.11 -18.59
N ASN A 102 20.48 25.93 -17.77
CA ASN A 102 20.52 24.96 -16.69
C ASN A 102 19.37 23.98 -16.84
N ALA A 103 19.03 23.62 -18.08
CA ALA A 103 17.89 22.76 -18.38
C ALA A 103 18.33 21.30 -18.41
N GLY A 104 18.14 20.59 -17.32
CA GLY A 104 18.42 19.17 -17.31
C GLY A 104 17.63 18.40 -18.35
N THR A 105 16.38 18.81 -18.60
CA THR A 105 15.52 18.12 -19.55
C THR A 105 15.90 18.42 -21.00
N ALA A 106 16.86 19.32 -21.22
CA ALA A 106 17.55 19.42 -22.51
C ALA A 106 18.89 18.70 -22.47
N MET A 107 19.72 18.97 -21.46
CA MET A 107 21.07 18.41 -21.41
C MET A 107 21.06 16.88 -21.38
N ARG A 108 20.29 16.27 -20.46
CA ARG A 108 20.33 14.81 -20.35
C ARG A 108 19.76 14.15 -21.61
N PRO A 109 18.54 14.48 -22.06
CA PRO A 109 18.00 13.84 -23.26
C PRO A 109 18.84 14.08 -24.50
N LEU A 110 19.36 15.29 -24.69
CA LEU A 110 20.15 15.56 -25.88
C LEU A 110 21.52 14.89 -25.81
N ALA A 111 22.10 14.78 -24.62
CA ALA A 111 23.38 14.07 -24.52
C ALA A 111 23.23 12.65 -25.04
N ALA A 112 22.12 11.98 -24.69
CA ALA A 112 21.89 10.64 -25.24
C ALA A 112 21.57 10.67 -26.73
N ALA A 113 20.64 11.54 -27.14
CA ALA A 113 20.16 11.49 -28.52
C ALA A 113 21.30 11.76 -29.49
N LEU A 114 22.21 12.66 -29.14
CA LEU A 114 23.31 13.02 -30.02
C LEU A 114 24.43 12.01 -30.00
N CYS A 115 24.27 10.91 -29.25
CA CYS A 115 25.17 9.77 -29.37
C CYS A 115 24.80 8.86 -30.54
N LEU A 116 23.65 9.05 -31.17
CA LEU A 116 23.30 8.27 -32.36
C LEU A 116 23.99 8.89 -33.56
N GLY A 117 24.65 8.07 -34.37
CA GLY A 117 25.23 8.57 -35.59
C GLY A 117 26.67 8.99 -35.42
N SER A 118 27.08 10.03 -36.14
CA SER A 118 28.48 10.44 -36.18
C SER A 118 28.63 11.95 -36.18
N ASN A 119 27.88 12.63 -35.30
CA ASN A 119 28.04 14.06 -35.12
C ASN A 119 29.29 14.34 -34.30
N ASP A 120 29.62 15.62 -34.16
CA ASP A 120 30.70 16.07 -33.28
C ASP A 120 30.19 17.36 -32.63
N ILE A 121 29.55 17.22 -31.47
CA ILE A 121 28.80 18.31 -30.86
CA ILE A 121 28.80 18.31 -30.85
C ILE A 121 29.20 18.45 -29.40
N VAL A 122 29.46 19.68 -28.96
CA VAL A 122 29.71 19.96 -27.55
C VAL A 122 28.43 20.51 -26.91
N LEU A 123 28.04 19.94 -25.77
CA LEU A 123 26.93 20.44 -24.98
C LEU A 123 27.48 21.10 -23.72
N THR A 124 27.02 22.32 -23.47
CA THR A 124 27.41 23.05 -22.29
C THR A 124 26.21 23.82 -21.75
N GLY A 125 26.46 24.64 -20.73
CA GLY A 125 25.43 25.46 -20.15
C GLY A 125 26.01 26.42 -19.15
N GLU A 126 25.13 26.93 -18.30
CA GLU A 126 25.49 27.88 -17.26
C GLU A 126 26.45 27.24 -16.26
N PRO A 127 27.19 28.06 -15.51
CA PRO A 127 28.11 27.48 -14.52
C PRO A 127 27.50 26.39 -13.67
N ARG A 128 26.28 26.57 -13.18
CA ARG A 128 25.70 25.55 -12.31
C ARG A 128 25.53 24.23 -13.04
N MET A 129 25.21 24.28 -14.34
CA MET A 129 25.02 23.03 -15.07
C MET A 129 26.31 22.22 -15.13
N LYS A 130 27.47 22.90 -15.11
CA LYS A 130 28.76 22.19 -15.09
C LYS A 130 29.04 21.57 -13.73
N GLU A 131 28.20 21.86 -12.73
CA GLU A 131 28.28 21.26 -11.41
C GLU A 131 27.16 20.25 -11.18
N ARG A 132 26.34 19.94 -12.20
CA ARG A 132 25.24 18.99 -12.06
C ARG A 132 25.62 17.67 -12.72
N PRO A 133 25.43 16.56 -12.03
CA PRO A 133 26.01 15.28 -12.47
C PRO A 133 25.37 14.73 -13.74
N ILE A 134 26.19 14.06 -14.53
CA ILE A 134 25.74 13.37 -15.73
C ILE A 134 26.50 12.06 -15.98
N GLY A 135 27.44 11.72 -15.09
CA GLY A 135 28.28 10.55 -15.32
C GLY A 135 27.53 9.23 -15.41
N HIS A 136 26.44 9.08 -14.67
CA HIS A 136 25.71 7.81 -14.77
C HIS A 136 25.18 7.62 -16.19
N LEU A 137 24.75 8.71 -16.82
CA LEU A 137 24.31 8.64 -18.21
C LEU A 137 25.48 8.40 -19.15
N VAL A 138 26.57 9.15 -18.98
CA VAL A 138 27.74 8.97 -19.82
C VAL A 138 28.23 7.52 -19.76
N ASP A 139 28.28 6.96 -18.55
CA ASP A 139 28.74 5.58 -18.39
C ASP A 139 27.89 4.61 -19.21
N ALA A 140 26.56 4.74 -19.12
CA ALA A 140 25.70 3.85 -19.88
C ALA A 140 25.85 4.04 -21.39
N LEU A 141 25.93 5.30 -21.84
CA LEU A 141 26.08 5.56 -23.26
C LEU A 141 27.38 4.99 -23.80
N ARG A 142 28.48 5.17 -23.04
CA ARG A 142 29.74 4.58 -23.45
C ARG A 142 29.67 3.06 -23.48
N GLN A 143 28.98 2.45 -22.52
CA GLN A 143 28.82 0.99 -22.54
C GLN A 143 28.13 0.52 -23.82
N GLY A 144 27.24 1.34 -24.35
CA GLY A 144 26.57 1.05 -25.60
C GLY A 144 27.32 1.43 -26.84
N GLY A 145 28.55 1.97 -26.70
CA GLY A 145 29.41 2.27 -27.84
C GLY A 145 29.64 3.74 -28.12
N ALA A 146 29.02 4.66 -27.37
CA ALA A 146 29.17 6.07 -27.67
C ALA A 146 30.56 6.57 -27.33
N GLN A 147 31.05 7.49 -28.13
CA GLN A 147 32.29 8.20 -27.86
C GLN A 147 31.93 9.54 -27.23
N ILE A 148 32.36 9.72 -25.99
CA ILE A 148 32.06 10.92 -25.22
C ILE A 148 33.33 11.36 -24.52
N ASP A 149 33.61 12.66 -24.56
CA ASP A 149 34.68 13.24 -23.76
C ASP A 149 34.07 14.23 -22.78
N CYS A 150 34.40 14.06 -21.50
CA CYS A 150 34.05 15.02 -20.46
C CYS A 150 35.20 16.02 -20.43
N LEU A 151 34.98 17.19 -20.99
CA LEU A 151 36.06 18.09 -21.32
C LEU A 151 36.74 18.69 -20.10
N GLU A 152 36.05 18.75 -18.97
CA GLU A 152 36.58 19.36 -17.75
C GLU A 152 36.75 18.37 -16.63
N GLN A 153 35.78 17.49 -16.41
CA GLN A 153 35.88 16.49 -15.36
C GLN A 153 34.87 15.40 -15.65
N GLU A 154 35.23 14.18 -15.33
CA GLU A 154 34.30 13.08 -15.48
C GLU A 154 33.09 13.36 -14.59
N ASN A 155 31.95 12.87 -15.03
CA ASN A 155 30.69 12.96 -14.28
CA ASN A 155 30.67 12.92 -14.37
C ASN A 155 29.96 14.29 -14.46
N TYR A 156 30.51 15.25 -15.21
CA TYR A 156 29.87 16.55 -15.37
C TYR A 156 29.99 17.05 -16.80
N PRO A 157 29.05 17.88 -17.25
CA PRO A 157 29.26 18.65 -18.48
C PRO A 157 30.40 19.63 -18.29
N PRO A 158 30.95 20.20 -19.36
CA PRO A 158 30.55 20.02 -20.76
C PRO A 158 31.00 18.71 -21.35
N LEU A 159 30.25 18.26 -22.36
CA LEU A 159 30.47 16.97 -23.01
C LEU A 159 30.70 17.19 -24.49
N ARG A 160 31.69 16.49 -25.05
CA ARG A 160 31.85 16.39 -26.50
C ARG A 160 31.32 15.02 -26.93
N LEU A 161 30.32 15.02 -27.81
CA LEU A 161 29.63 13.83 -28.27
C LEU A 161 30.04 13.54 -29.70
N ARG A 162 30.67 12.39 -29.93
CA ARG A 162 31.07 12.00 -31.26
C ARG A 162 30.34 10.78 -31.79
N GLY A 163 29.24 10.38 -31.16
CA GLY A 163 28.38 9.38 -31.74
C GLY A 163 28.85 7.96 -31.48
N GLY A 164 28.25 7.03 -32.20
CA GLY A 164 28.65 5.64 -32.15
C GLY A 164 27.82 4.73 -31.27
N PHE A 165 26.77 5.25 -30.61
CA PHE A 165 25.94 4.39 -29.77
C PHE A 165 25.29 3.30 -30.62
N GLN A 166 25.52 2.04 -30.23
CA GLN A 166 24.98 0.88 -30.92
C GLN A 166 23.79 0.25 -30.21
N GLY A 167 23.81 0.23 -28.87
CA GLY A 167 22.88 -0.57 -28.10
C GLY A 167 23.62 -1.59 -27.25
N GLY A 168 22.99 -2.73 -27.05
CA GLY A 168 23.59 -3.78 -26.27
C GLY A 168 23.14 -3.77 -24.82
N ASN A 169 23.93 -4.42 -23.99
CA ASN A 169 23.64 -4.54 -22.58
C ASN A 169 24.31 -3.38 -21.86
N VAL A 170 23.51 -2.55 -21.22
CA VAL A 170 24.05 -1.41 -20.47
C VAL A 170 23.43 -1.42 -19.08
N GLU A 171 24.13 -0.78 -18.17
CA GLU A 171 23.66 -0.55 -16.81
CA GLU A 171 23.64 -0.55 -16.83
C GLU A 171 23.55 0.95 -16.59
N VAL A 172 22.48 1.38 -15.93
CA VAL A 172 22.38 2.78 -15.53
C VAL A 172 22.01 2.86 -14.07
N ASP A 173 22.73 3.71 -13.35
CA ASP A 173 22.42 4.03 -11.97
C ASP A 173 21.18 4.91 -11.95
N GLY A 174 20.19 4.51 -11.16
CA GLY A 174 18.97 5.27 -11.00
C GLY A 174 18.91 6.08 -9.73
N SER A 175 19.99 6.15 -8.96
CA SER A 175 19.92 6.66 -7.59
C SER A 175 20.09 8.17 -7.47
N VAL A 176 20.51 8.86 -8.52
CA VAL A 176 20.75 10.30 -8.49
C VAL A 176 19.77 11.06 -9.36
N SER A 177 19.52 10.59 -10.58
CA SER A 177 18.50 11.21 -11.42
C SER A 177 17.79 10.15 -12.25
N SER A 178 16.46 10.30 -12.36
CA SER A 178 15.71 9.50 -13.32
C SER A 178 15.99 9.93 -14.75
N GLN A 179 16.54 11.14 -14.94
CA GLN A 179 16.71 11.66 -16.29
C GLN A 179 17.71 10.87 -17.10
N PHE A 180 18.64 10.19 -16.44
CA PHE A 180 19.60 9.39 -17.18
C PHE A 180 18.89 8.22 -17.85
N LEU A 181 18.06 7.50 -17.09
CA LEU A 181 17.23 6.45 -17.65
C LEU A 181 16.25 7.01 -18.70
N THR A 182 15.60 8.14 -18.42
CA THR A 182 14.73 8.74 -19.43
C THR A 182 15.47 8.98 -20.73
N ALA A 183 16.68 9.54 -20.64
CA ALA A 183 17.45 9.87 -21.84
C ALA A 183 17.79 8.61 -22.64
N LEU A 184 18.20 7.54 -21.93
CA LEU A 184 18.49 6.28 -22.60
C LEU A 184 17.26 5.71 -23.27
N LEU A 185 16.13 5.73 -22.55
CA LEU A 185 14.90 5.16 -23.08
C LEU A 185 14.48 5.85 -24.37
N MET A 186 14.60 7.18 -24.41
CA MET A 186 14.12 7.88 -25.61
CA MET A 186 14.14 7.90 -25.60
C MET A 186 15.06 7.67 -26.79
N THR A 187 16.35 7.46 -26.54
CA THR A 187 17.32 7.27 -27.62
C THR A 187 17.39 5.84 -28.12
N ALA A 188 17.29 4.86 -27.22
CA ALA A 188 17.54 3.46 -27.58
C ALA A 188 16.71 2.94 -28.75
N PRO A 189 15.44 3.33 -28.93
CA PRO A 189 14.67 2.74 -30.04
C PRO A 189 15.27 3.01 -31.41
N LEU A 190 16.06 4.08 -31.56
CA LEU A 190 16.61 4.43 -32.85
C LEU A 190 18.00 3.84 -33.07
N ALA A 191 18.55 3.13 -32.08
CA ALA A 191 19.89 2.58 -32.18
C ALA A 191 19.91 1.39 -33.12
N PRO A 192 21.09 1.03 -33.65
CA PRO A 192 21.15 -0.09 -34.62
C PRO A 192 20.94 -1.45 -34.01
N GLN A 193 21.07 -1.61 -32.70
CA GLN A 193 20.88 -2.88 -32.03
C GLN A 193 19.89 -2.68 -30.88
N ASP A 194 19.33 -3.80 -30.43
CA ASP A 194 18.48 -3.79 -29.24
C ASP A 194 19.31 -3.41 -28.01
N THR A 195 18.66 -2.79 -27.03
CA THR A 195 19.30 -2.39 -25.80
C THR A 195 18.58 -3.01 -24.61
N VAL A 196 19.34 -3.62 -23.71
CA VAL A 196 18.82 -4.08 -22.43
C VAL A 196 19.44 -3.19 -21.37
N ILE A 197 18.60 -2.45 -20.64
CA ILE A 197 19.04 -1.50 -19.64
C ILE A 197 18.74 -2.12 -18.27
N VAL A 198 19.78 -2.35 -17.49
CA VAL A 198 19.64 -2.85 -16.12
C VAL A 198 19.82 -1.67 -15.18
N ILE A 199 18.91 -1.50 -14.23
CA ILE A 199 19.02 -0.43 -13.23
C ILE A 199 19.88 -0.95 -12.09
N LYS A 200 20.94 -0.23 -11.75
CA LYS A 200 21.94 -0.76 -10.77
C LYS A 200 21.34 -0.97 -9.37
N GLY A 201 20.68 0.05 -8.84
CA GLY A 201 20.14 0.01 -7.50
C GLY A 201 18.79 0.67 -7.39
N ASP A 202 18.64 1.63 -6.49
CA ASP A 202 17.36 2.29 -6.34
C ASP A 202 17.12 3.19 -7.56
N LEU A 203 15.84 3.44 -7.84
CA LEU A 203 15.46 4.39 -8.86
C LEU A 203 14.68 5.52 -8.19
N VAL A 204 15.21 6.73 -8.27
CA VAL A 204 14.53 7.91 -7.76
C VAL A 204 13.62 8.48 -8.84
N SER A 205 12.68 9.31 -8.41
CA SER A 205 11.85 10.07 -9.34
C SER A 205 11.14 9.18 -10.36
N LYS A 206 10.66 8.04 -9.88
CA LYS A 206 10.04 7.05 -10.78
CA LYS A 206 10.03 7.05 -10.77
C LYS A 206 8.90 7.61 -11.60
N PRO A 207 8.04 8.49 -11.08
CA PRO A 207 6.95 9.00 -11.92
C PRO A 207 7.43 9.70 -13.19
N TYR A 208 8.66 10.25 -13.20
CA TYR A 208 9.16 10.85 -14.43
C TYR A 208 9.50 9.79 -15.49
N ILE A 209 9.86 8.58 -15.07
CA ILE A 209 9.99 7.48 -16.01
C ILE A 209 8.63 7.17 -16.62
N ASP A 210 7.58 7.19 -15.79
CA ASP A 210 6.25 6.99 -16.36
C ASP A 210 5.90 8.06 -17.39
N ILE A 211 6.25 9.33 -17.14
CA ILE A 211 6.01 10.35 -18.17
C ILE A 211 6.71 9.95 -19.47
N THR A 212 7.99 9.59 -19.37
CA THR A 212 8.74 9.22 -20.57
C THR A 212 8.07 8.09 -21.33
N LEU A 213 7.63 7.04 -20.61
CA LEU A 213 7.02 5.89 -21.28
C LEU A 213 5.69 6.28 -21.93
N HIS A 214 4.90 7.12 -21.26
CA HIS A 214 3.66 7.60 -21.88
C HIS A 214 3.96 8.38 -23.17
N LEU A 215 4.95 9.29 -23.12
CA LEU A 215 5.27 10.09 -24.30
C LEU A 215 5.77 9.21 -25.43
N MET A 216 6.64 8.25 -25.12
CA MET A 216 7.15 7.36 -26.15
C MET A 216 6.01 6.59 -26.80
N LYS A 217 5.05 6.11 -25.99
CA LYS A 217 3.91 5.39 -26.53
C LYS A 217 3.06 6.29 -27.43
N THR A 218 2.85 7.55 -27.01
CA THR A 218 2.14 8.50 -27.88
C THR A 218 2.83 8.60 -29.23
N PHE A 219 4.16 8.54 -29.25
CA PHE A 219 4.94 8.64 -30.48
C PHE A 219 5.26 7.27 -31.07
N GLY A 220 4.47 6.24 -30.72
CA GLY A 220 4.48 4.99 -31.44
C GLY A 220 5.49 3.96 -31.01
N VAL A 221 6.11 4.10 -29.84
CA VAL A 221 7.16 3.20 -29.41
C VAL A 221 6.87 2.67 -28.01
N GLU A 222 6.96 1.36 -27.85
CA GLU A 222 6.81 0.71 -26.55
C GLU A 222 8.10 0.01 -26.18
N VAL A 223 8.27 -0.24 -24.89
CA VAL A 223 9.39 -1.00 -24.37
C VAL A 223 8.88 -1.97 -23.31
N ASP A 224 9.73 -2.90 -22.91
CA ASP A 224 9.37 -3.87 -21.88
C ASP A 224 9.97 -3.37 -20.57
N ASN A 225 9.11 -2.83 -19.71
CA ASN A 225 9.51 -2.36 -18.39
C ASN A 225 9.29 -3.49 -17.39
N GLN A 226 10.37 -4.11 -16.92
CA GLN A 226 10.32 -5.24 -16.01
C GLN A 226 10.55 -4.70 -14.60
N SER A 227 9.43 -4.27 -14.01
CA SER A 227 9.36 -3.83 -12.61
C SER A 227 10.34 -2.69 -12.30
N TYR A 228 10.58 -1.83 -13.29
CA TYR A 228 11.48 -0.69 -13.15
C TYR A 228 12.91 -1.09 -12.82
N GLN A 229 13.24 -2.37 -13.00
CA GLN A 229 14.58 -2.86 -12.73
C GLN A 229 15.32 -3.26 -13.98
N ARG A 230 14.61 -3.54 -15.07
CA ARG A 230 15.25 -3.94 -16.31
C ARG A 230 14.32 -3.51 -17.43
N PHE A 231 14.87 -2.91 -18.48
CA PHE A 231 14.09 -2.45 -19.61
C PHE A 231 14.65 -3.06 -20.88
N VAL A 232 13.79 -3.66 -21.70
CA VAL A 232 14.19 -4.19 -22.99
C VAL A 232 13.63 -3.29 -24.06
N VAL A 233 14.51 -2.74 -24.88
CA VAL A 233 14.15 -1.82 -25.96
C VAL A 233 14.63 -2.42 -27.27
N ARG A 234 13.74 -2.50 -28.26
CA ARG A 234 14.14 -2.95 -29.57
C ARG A 234 14.69 -1.77 -30.36
N GLY A 235 15.82 -2.00 -31.03
CA GLY A 235 16.39 -1.00 -31.90
C GLY A 235 15.74 -1.01 -33.26
N LYS A 236 16.28 -0.16 -34.13
CA LYS A 236 15.86 -0.09 -35.52
C LYS A 236 14.43 0.42 -35.66
N GLN A 237 13.92 1.16 -34.68
CA GLN A 237 12.59 1.71 -34.76
C GLN A 237 12.63 3.15 -35.26
N GLN A 238 11.44 3.67 -35.51
CA GLN A 238 11.29 5.08 -35.79
CA GLN A 238 11.24 5.06 -35.86
C GLN A 238 10.05 5.56 -35.05
N TYR A 239 10.18 6.72 -34.43
CA TYR A 239 9.00 7.32 -33.81
C TYR A 239 8.05 7.77 -34.91
N GLN A 240 6.77 7.81 -34.57
CA GLN A 240 5.71 8.20 -35.49
CA GLN A 240 5.71 8.20 -35.49
C GLN A 240 4.93 9.35 -34.88
N SER A 241 4.84 10.44 -35.62
CA SER A 241 4.10 11.58 -35.12
C SER A 241 2.65 11.18 -34.83
N PRO A 242 2.08 11.64 -33.71
CA PRO A 242 0.64 11.42 -33.46
C PRO A 242 -0.23 12.43 -34.18
N GLY A 243 0.37 13.35 -34.91
CA GLY A 243 -0.37 14.49 -35.43
C GLY A 243 -0.46 15.59 -34.39
N ASP A 244 -1.65 15.84 -33.87
CA ASP A 244 -1.82 16.78 -32.77
C ASP A 244 -1.43 16.11 -31.46
N TYR A 245 -0.77 16.87 -30.59
CA TYR A 245 -0.49 16.44 -29.24
C TYR A 245 -0.70 17.62 -28.30
N LEU A 246 -1.52 17.40 -27.28
CA LEU A 246 -1.83 18.42 -26.29
C LEU A 246 -0.87 18.26 -25.11
N VAL A 247 -0.06 19.29 -24.86
CA VAL A 247 0.82 19.32 -23.71
C VAL A 247 0.00 19.66 -22.47
N GLU A 248 0.05 18.80 -21.45
CA GLU A 248 -0.64 19.06 -20.20
C GLU A 248 -0.14 20.38 -19.58
N GLY A 249 -1.03 21.03 -18.82
CA GLY A 249 -0.58 22.09 -17.93
C GLY A 249 0.43 21.57 -16.92
N ASP A 250 1.28 22.46 -16.41
CA ASP A 250 2.37 22.03 -15.56
C ASP A 250 1.87 21.79 -14.13
N ALA A 251 1.94 20.53 -13.69
CA ALA A 251 1.46 20.19 -12.35
C ALA A 251 2.39 20.69 -11.25
N SER A 252 3.66 20.91 -11.57
CA SER A 252 4.58 21.52 -10.61
C SER A 252 4.26 23.00 -10.42
N SER A 253 4.06 23.71 -11.53
CA SER A 253 3.60 25.10 -11.46
C SER A 253 2.27 25.20 -10.72
N ALA A 254 1.40 24.20 -10.88
CA ALA A 254 0.11 24.23 -10.21
C ALA A 254 0.25 24.18 -8.70
N SER A 255 1.33 23.57 -8.20
CA SER A 255 1.44 23.35 -6.75
C SER A 255 1.32 24.66 -5.98
N TYR A 256 1.89 25.76 -6.49
CA TYR A 256 1.88 27.02 -5.75
C TYR A 256 0.47 27.52 -5.54
N PHE A 257 -0.37 27.40 -6.57
CA PHE A 257 -1.72 27.93 -6.49
C PHE A 257 -2.61 27.04 -5.65
N LEU A 258 -2.45 25.70 -5.78
CA LEU A 258 -3.19 24.81 -4.90
C LEU A 258 -2.81 25.03 -3.44
N ALA A 259 -1.51 25.18 -3.17
CA ALA A 259 -1.09 25.45 -1.81
C ALA A 259 -1.62 26.79 -1.32
N ALA A 260 -1.62 27.80 -2.18
CA ALA A 260 -2.15 29.10 -1.77
C ALA A 260 -3.60 28.97 -1.37
N GLY A 261 -4.38 28.18 -2.11
CA GLY A 261 -5.74 27.91 -1.69
C GLY A 261 -5.81 27.18 -0.36
N ALA A 262 -4.95 26.18 -0.18
CA ALA A 262 -4.92 25.44 1.08
C ALA A 262 -4.64 26.37 2.25
N ILE A 263 -3.78 27.37 2.06
CA ILE A 263 -3.33 28.24 3.14
C ILE A 263 -4.31 29.39 3.39
N LYS A 264 -4.77 30.04 2.32
CA LYS A 264 -5.41 31.35 2.44
C LYS A 264 -6.66 31.46 1.57
N GLY A 265 -7.19 30.34 1.09
CA GLY A 265 -8.46 30.34 0.39
C GLY A 265 -9.61 30.41 1.36
N GLY A 266 -10.82 30.43 0.82
CA GLY A 266 -11.09 30.40 -0.60
C GLY A 266 -10.90 29.05 -1.24
N THR A 267 -11.31 28.97 -2.50
CA THR A 267 -11.07 27.83 -3.38
C THR A 267 -10.23 28.31 -4.54
N VAL A 268 -9.12 27.61 -4.80
CA VAL A 268 -8.29 27.86 -5.97
C VAL A 268 -8.35 26.62 -6.86
N LYS A 269 -8.73 26.81 -8.11
CA LYS A 269 -8.80 25.75 -9.10
C LYS A 269 -7.73 25.98 -10.16
N VAL A 270 -7.06 24.91 -10.58
CA VAL A 270 -6.13 24.95 -11.70
C VAL A 270 -6.71 24.07 -12.80
N THR A 271 -6.54 24.52 -14.04
CA THR A 271 -7.03 23.78 -15.19
C THR A 271 -5.88 23.40 -16.10
N GLY A 272 -6.10 22.34 -16.87
CA GLY A 272 -5.10 21.79 -17.75
C GLY A 272 -4.45 20.52 -17.24
N ILE A 273 -4.77 20.12 -16.01
CA ILE A 273 -4.39 18.83 -15.43
C ILE A 273 -5.61 18.31 -14.69
N GLY A 274 -5.61 17.02 -14.41
CA GLY A 274 -6.68 16.41 -13.67
C GLY A 274 -6.32 15.01 -13.26
N ARG A 275 -7.35 14.23 -12.93
CA ARG A 275 -7.12 12.95 -12.27
C ARG A 275 -6.35 11.97 -13.16
N ASN A 276 -6.43 12.12 -14.48
CA ASN A 276 -5.78 11.19 -15.40
C ASN A 276 -4.48 11.72 -16.00
N SER A 277 -3.94 12.80 -15.46
CA SER A 277 -2.72 13.34 -16.03
CA SER A 277 -2.70 13.36 -15.99
C SER A 277 -1.55 12.39 -15.85
N VAL A 278 -0.59 12.48 -16.77
CA VAL A 278 0.58 11.61 -16.73
C VAL A 278 1.64 12.14 -15.77
N GLN A 279 1.58 13.41 -15.39
CA GLN A 279 2.58 13.97 -14.48
C GLN A 279 2.40 13.49 -13.05
N GLY A 280 3.50 13.05 -12.43
CA GLY A 280 3.44 12.61 -11.05
C GLY A 280 3.10 13.71 -10.06
N ASP A 281 3.36 14.97 -10.41
CA ASP A 281 3.14 16.04 -9.44
C ASP A 281 1.66 16.31 -9.17
N ILE A 282 0.74 15.68 -9.90
CA ILE A 282 -0.65 15.79 -9.45
C ILE A 282 -0.82 15.20 -8.04
N ARG A 283 0.06 14.26 -7.67
CA ARG A 283 -0.03 13.66 -6.34
C ARG A 283 0.30 14.66 -5.23
N PHE A 284 0.84 15.83 -5.57
CA PHE A 284 1.03 16.88 -4.57
C PHE A 284 -0.29 17.24 -3.90
N ALA A 285 -1.40 17.20 -4.65
CA ALA A 285 -2.66 17.59 -4.04
C ALA A 285 -3.04 16.65 -2.90
N ASP A 286 -2.64 15.39 -2.98
CA ASP A 286 -2.92 14.46 -1.90
C ASP A 286 -2.29 14.93 -0.60
N VAL A 287 -1.11 15.55 -0.69
CA VAL A 287 -0.44 16.02 0.52
C VAL A 287 -1.23 17.14 1.15
N LEU A 288 -1.72 18.08 0.32
CA LEU A 288 -2.54 19.15 0.88
C LEU A 288 -3.77 18.58 1.58
N GLU A 289 -4.35 17.52 0.99
CA GLU A 289 -5.50 16.88 1.61
C GLU A 289 -5.11 16.28 2.94
N LYS A 290 -3.95 15.62 2.99
CA LYS A 290 -3.50 15.03 4.25
C LYS A 290 -3.27 16.10 5.30
N MET A 291 -2.85 17.30 4.87
CA MET A 291 -2.61 18.38 5.82
C MET A 291 -3.91 19.00 6.34
N GLY A 292 -5.03 18.76 5.67
CA GLY A 292 -6.32 19.20 6.15
C GLY A 292 -7.08 20.07 5.17
N ALA A 293 -6.53 20.39 4.01
CA ALA A 293 -7.28 21.10 3.00
C ALA A 293 -8.26 20.14 2.32
N THR A 294 -9.24 20.70 1.63
CA THR A 294 -10.18 19.91 0.86
CA THR A 294 -10.16 19.87 0.87
C THR A 294 -9.81 20.00 -0.62
N VAL A 295 -9.74 18.86 -1.28
CA VAL A 295 -9.30 18.78 -2.67
C VAL A 295 -10.41 18.16 -3.48
N THR A 296 -10.75 18.79 -4.60
CA THR A 296 -11.72 18.27 -5.54
CA THR A 296 -11.74 18.31 -5.55
C THR A 296 -11.05 18.03 -6.88
N TRP A 297 -11.38 16.92 -7.51
CA TRP A 297 -10.77 16.48 -8.73
C TRP A 297 -11.76 16.51 -9.88
N GLY A 298 -11.25 16.85 -11.06
CA GLY A 298 -11.97 16.69 -12.30
C GLY A 298 -11.08 16.05 -13.34
N ASP A 299 -11.65 15.84 -14.52
CA ASP A 299 -10.85 15.36 -15.63
C ASP A 299 -9.86 16.43 -16.11
N ASP A 300 -10.21 17.70 -15.96
CA ASP A 300 -9.33 18.77 -16.40
C ASP A 300 -9.20 19.87 -15.37
N PHE A 301 -9.42 19.57 -14.10
CA PHE A 301 -9.07 20.52 -13.05
C PHE A 301 -8.69 19.78 -11.79
N ILE A 302 -7.98 20.51 -10.94
CA ILE A 302 -7.81 20.18 -9.53
C ILE A 302 -8.10 21.45 -8.76
N ALA A 303 -8.87 21.34 -7.67
CA ALA A 303 -9.17 22.51 -6.85
C ALA A 303 -8.86 22.20 -5.40
N CYS A 304 -8.48 23.24 -4.67
CA CYS A 304 -8.15 23.13 -3.27
C CYS A 304 -8.80 24.27 -2.50
N THR A 305 -9.45 23.91 -1.40
CA THR A 305 -10.14 24.84 -0.50
C THR A 305 -9.49 24.77 0.87
N HIS A 306 -9.26 25.94 1.45
CA HIS A 306 -8.62 26.02 2.77
C HIS A 306 -9.37 25.23 3.84
N GLY A 307 -8.59 24.52 4.65
CA GLY A 307 -9.03 24.04 5.95
C GLY A 307 -7.85 24.14 6.89
N GLU A 308 -8.09 23.86 8.17
CA GLU A 308 -7.02 23.97 9.15
C GLU A 308 -5.90 22.99 8.80
N LEU A 309 -4.66 23.49 8.79
CA LEU A 309 -3.51 22.74 8.29
C LEU A 309 -2.67 22.17 9.43
N LYS A 310 -2.31 20.89 9.28
CA LYS A 310 -1.46 20.18 10.22
C LYS A 310 -0.28 19.59 9.47
N ALA A 311 0.85 19.50 10.16
CA ALA A 311 2.09 19.05 9.56
C ALA A 311 2.01 17.59 9.15
N VAL A 312 2.83 17.23 8.17
CA VAL A 312 2.96 15.86 7.70
C VAL A 312 4.42 15.43 7.80
N ASP A 313 4.59 14.10 7.79
CA ASP A 313 5.90 13.45 7.78
C ASP A 313 5.81 12.43 6.66
N MET A 314 6.48 12.68 5.54
CA MET A 314 6.26 11.90 4.35
C MET A 314 7.54 11.73 3.54
N ASP A 315 7.64 10.59 2.89
CA ASP A 315 8.61 10.35 1.83
C ASP A 315 8.15 11.08 0.58
N MET A 316 8.97 12.02 0.10
CA MET A 316 8.61 12.87 -1.03
C MET A 316 9.34 12.51 -2.32
N ASN A 317 9.95 11.31 -2.38
CA ASN A 317 10.73 10.96 -3.56
C ASN A 317 9.89 10.93 -4.83
N HIS A 318 8.60 10.70 -4.71
CA HIS A 318 7.71 10.65 -5.87
C HIS A 318 7.31 12.03 -6.40
N ILE A 319 7.59 13.10 -5.65
CA ILE A 319 7.23 14.47 -6.03
C ILE A 319 8.32 15.44 -5.59
N PRO A 320 9.56 15.23 -5.99
CA PRO A 320 10.65 16.05 -5.43
C PRO A 320 10.53 17.54 -5.71
N ASP A 321 9.96 17.94 -6.85
CA ASP A 321 9.88 19.36 -7.18
C ASP A 321 8.73 20.04 -6.43
N ALA A 322 7.52 19.49 -6.55
CA ALA A 322 6.39 20.03 -5.82
C ALA A 322 6.59 19.91 -4.31
N ALA A 323 7.43 18.97 -3.85
CA ALA A 323 7.70 18.86 -2.43
C ALA A 323 8.23 20.16 -1.84
N MET A 324 8.99 20.94 -2.62
CA MET A 324 9.51 22.20 -2.11
C MET A 324 8.38 23.11 -1.67
N THR A 325 7.23 23.04 -2.35
CA THR A 325 6.09 23.86 -1.97
C THR A 325 5.56 23.47 -0.60
N ILE A 326 5.63 22.19 -0.25
CA ILE A 326 5.25 21.78 1.10
C ILE A 326 6.19 22.39 2.13
N ALA A 327 7.47 22.57 1.77
CA ALA A 327 8.42 23.11 2.74
C ALA A 327 8.03 24.51 3.18
N THR A 328 7.50 25.33 2.26
CA THR A 328 7.06 26.65 2.72
C THR A 328 5.61 26.63 3.21
N ALA A 329 4.77 25.73 2.66
CA ALA A 329 3.42 25.62 3.20
C ALA A 329 3.46 25.18 4.66
N ALA A 330 4.52 24.43 5.03
CA ALA A 330 4.72 23.98 6.40
C ALA A 330 4.72 25.14 7.38
N LEU A 331 5.10 26.36 6.94
CA LEU A 331 5.11 27.50 7.84
C LEU A 331 3.74 27.81 8.39
N PHE A 332 2.69 27.34 7.72
CA PHE A 332 1.31 27.64 8.07
C PHE A 332 0.61 26.46 8.73
N ALA A 333 1.34 25.38 9.01
CA ALA A 333 0.75 24.17 9.55
C ALA A 333 1.13 24.05 11.01
N GLN A 334 0.27 23.36 11.77
CA GLN A 334 0.58 23.07 13.16
C GLN A 334 1.48 21.85 13.23
N GLY A 335 2.61 22.00 13.91
CA GLY A 335 3.53 20.91 14.14
C GLY A 335 4.73 21.00 13.23
N THR A 336 5.59 20.00 13.34
CA THR A 336 6.83 19.92 12.57
C THR A 336 6.61 19.07 11.33
N THR A 337 6.93 19.61 10.16
CA THR A 337 6.84 18.88 8.91
C THR A 337 8.19 18.26 8.58
N THR A 338 8.17 16.99 8.18
CA THR A 338 9.39 16.30 7.77
C THR A 338 9.19 15.78 6.35
N LEU A 339 10.10 16.14 5.46
CA LEU A 339 10.10 15.68 4.07
C LEU A 339 11.33 14.81 3.89
N ARG A 340 11.11 13.54 3.52
CA ARG A 340 12.15 12.54 3.48
C ARG A 340 12.45 12.07 2.07
N ASN A 341 13.66 11.52 1.91
CA ASN A 341 14.08 10.83 0.69
C ASN A 341 14.14 11.79 -0.50
N ILE A 342 14.80 12.93 -0.28
CA ILE A 342 14.92 14.02 -1.25
C ILE A 342 16.39 14.41 -1.44
N TYR A 343 17.29 13.42 -1.38
CA TYR A 343 18.71 13.73 -1.55
C TYR A 343 19.00 14.57 -2.79
N ASN A 344 18.36 14.26 -3.92
CA ASN A 344 18.77 14.92 -5.16
C ASN A 344 18.32 16.38 -5.25
N TRP A 345 17.62 16.89 -4.22
CA TRP A 345 17.52 18.33 -4.06
C TRP A 345 18.90 18.96 -4.12
N ARG A 346 19.93 18.25 -3.66
CA ARG A 346 21.26 18.84 -3.59
C ARG A 346 21.92 19.05 -4.95
N VAL A 347 21.44 18.37 -6.00
CA VAL A 347 22.14 18.38 -7.30
C VAL A 347 21.30 19.04 -8.38
N LYS A 348 20.33 19.83 -7.99
CA LYS A 348 19.42 20.52 -8.91
C LYS A 348 19.84 21.97 -9.12
N GLU A 349 18.87 22.84 -9.38
CA GLU A 349 19.21 24.21 -9.79
C GLU A 349 20.15 24.88 -8.80
N THR A 350 20.00 24.58 -7.52
CA THR A 350 20.98 24.86 -6.47
C THR A 350 20.98 23.64 -5.55
N ASP A 351 21.80 23.64 -4.50
CA ASP A 351 21.63 22.66 -3.44
C ASP A 351 20.39 23.10 -2.65
N ARG A 352 19.26 22.48 -2.95
CA ARG A 352 18.01 22.96 -2.42
C ARG A 352 17.80 22.61 -0.95
N LEU A 353 18.46 21.57 -0.44
CA LEU A 353 18.38 21.34 0.99
C LEU A 353 19.06 22.47 1.75
N PHE A 354 20.26 22.87 1.31
CA PHE A 354 20.94 23.99 1.94
C PHE A 354 20.14 25.27 1.78
N ALA A 355 19.66 25.54 0.55
CA ALA A 355 19.00 26.81 0.26
C ALA A 355 17.68 26.93 1.01
N MET A 356 16.87 25.88 0.94
CA MET A 356 15.58 25.91 1.63
CA MET A 356 15.57 25.93 1.63
C MET A 356 15.76 26.08 3.12
N ALA A 357 16.72 25.36 3.71
CA ALA A 357 16.92 25.52 5.16
C ALA A 357 17.37 26.94 5.50
N THR A 358 18.31 27.48 4.71
CA THR A 358 18.84 28.80 4.99
C THR A 358 17.75 29.85 4.92
N GLU A 359 16.93 29.80 3.87
CA GLU A 359 15.93 30.86 3.70
C GLU A 359 14.74 30.68 4.65
N LEU A 360 14.36 29.43 4.95
CA LEU A 360 13.32 29.21 5.94
C LEU A 360 13.71 29.79 7.30
N ARG A 361 14.98 29.66 7.68
CA ARG A 361 15.36 30.19 8.99
C ARG A 361 15.18 31.71 9.05
N LYS A 362 15.35 32.39 7.92
CA LYS A 362 15.23 33.84 7.93
C LYS A 362 13.82 34.29 8.25
N VAL A 363 12.81 33.49 7.91
CA VAL A 363 11.44 33.87 8.28
C VAL A 363 11.06 33.34 9.65
N GLY A 364 11.99 32.69 10.36
CA GLY A 364 11.80 32.32 11.74
C GLY A 364 11.67 30.84 12.00
N ALA A 365 11.65 30.00 10.96
CA ALA A 365 11.52 28.57 11.19
C ALA A 365 12.77 28.00 11.80
N GLU A 366 12.59 26.96 12.61
CA GLU A 366 13.68 26.10 13.02
C GLU A 366 13.75 24.96 12.01
N VAL A 367 14.93 24.72 11.48
CA VAL A 367 15.11 23.74 10.41
C VAL A 367 16.27 22.82 10.74
N GLU A 368 16.02 21.52 10.67
CA GLU A 368 17.06 20.51 10.64
C GLU A 368 17.27 20.12 9.19
N GLU A 369 18.46 20.41 8.68
CA GLU A 369 18.86 20.06 7.32
C GLU A 369 19.55 18.71 7.38
N GLY A 370 18.83 17.66 7.04
CA GLY A 370 19.43 16.33 6.99
C GLY A 370 20.14 16.10 5.67
N GLU A 371 20.88 14.98 5.59
CA GLU A 371 21.57 14.66 4.34
C GLU A 371 20.58 14.54 3.19
N ASP A 372 19.42 13.93 3.46
CA ASP A 372 18.43 13.63 2.43
C ASP A 372 17.02 13.90 2.93
N TYR A 373 16.86 14.78 3.92
CA TYR A 373 15.55 15.12 4.46
C TYR A 373 15.63 16.53 5.04
N ILE A 374 14.47 17.12 5.27
CA ILE A 374 14.38 18.43 5.94
C ILE A 374 13.24 18.37 6.94
N ARG A 375 13.49 18.93 8.13
CA ARG A 375 12.52 19.00 9.21
CA ARG A 375 12.50 19.01 9.19
C ARG A 375 12.29 20.47 9.56
N ILE A 376 11.03 20.90 9.52
CA ILE A 376 10.68 22.31 9.58
C ILE A 376 9.69 22.53 10.71
N THR A 377 10.07 23.34 11.69
CA THR A 377 9.23 23.70 12.82
C THR A 377 8.90 25.17 12.70
N PRO A 378 7.65 25.54 12.46
CA PRO A 378 7.35 26.96 12.19
C PRO A 378 7.50 27.80 13.45
N PRO A 379 7.76 29.09 13.29
CA PRO A 379 7.70 30.01 14.44
C PRO A 379 6.26 30.35 14.76
N ALA A 380 6.06 30.93 15.94
CA ALA A 380 4.72 31.40 16.29
C ALA A 380 4.26 32.49 15.34
N LYS A 381 5.18 33.37 14.95
CA LYS A 381 4.92 34.48 14.03
C LYS A 381 6.04 34.52 13.00
N LEU A 382 5.67 34.69 11.73
CA LEU A 382 6.66 34.79 10.67
C LEU A 382 7.38 36.14 10.74
N LYS A 383 8.62 36.14 10.29
CA LYS A 383 9.46 37.33 10.25
C LYS A 383 9.64 37.80 8.81
N TYR A 384 9.80 39.11 8.67
CA TYR A 384 10.11 39.69 7.37
C TYR A 384 11.53 39.36 6.95
N ALA A 385 11.70 38.94 5.70
CA ALA A 385 13.02 38.65 5.18
C ALA A 385 13.09 38.98 3.70
N GLU A 386 14.32 39.26 3.26
CA GLU A 386 14.69 39.22 1.85
C GLU A 386 15.19 37.82 1.57
N ILE A 387 14.55 37.16 0.62
CA ILE A 387 14.81 35.75 0.31
C ILE A 387 15.76 35.66 -0.87
N GLY A 388 16.93 35.06 -0.65
CA GLY A 388 17.79 34.72 -1.78
C GLY A 388 17.21 33.55 -2.55
N THR A 389 17.35 33.59 -3.87
CA THR A 389 16.70 32.61 -4.72
C THR A 389 17.66 31.71 -5.50
N TYR A 390 18.97 31.93 -5.41
CA TYR A 390 19.95 30.92 -5.84
C TYR A 390 19.82 30.56 -7.31
N ASN A 391 19.37 31.51 -8.14
CA ASN A 391 19.08 31.23 -9.54
CA ASN A 391 19.01 31.28 -9.55
C ASN A 391 18.15 30.03 -9.70
N ASP A 392 17.18 29.89 -8.80
CA ASP A 392 16.28 28.74 -8.75
C ASP A 392 14.84 29.22 -8.73
N HIS A 393 14.19 29.12 -9.89
CA HIS A 393 12.77 29.44 -10.03
C HIS A 393 11.93 29.01 -8.84
N ARG A 394 12.13 27.80 -8.34
CA ARG A 394 11.22 27.29 -7.26
C ARG A 394 11.51 27.96 -5.90
N MET A 395 12.74 28.43 -5.67
CA MET A 395 12.93 29.20 -4.45
C MET A 395 12.04 30.44 -4.46
N ALA A 396 12.00 31.14 -5.59
CA ALA A 396 11.15 32.33 -5.71
C ALA A 396 9.67 31.96 -5.53
N MET A 397 9.22 30.91 -6.23
CA MET A 397 7.80 30.58 -6.17
C MET A 397 7.40 30.01 -4.81
N CYS A 398 8.23 29.17 -4.22
CA CYS A 398 7.90 28.65 -2.89
C CYS A 398 7.80 29.75 -1.86
N PHE A 399 8.76 30.69 -1.88
CA PHE A 399 8.75 31.72 -0.84
C PHE A 399 7.71 32.79 -1.07
N SER A 400 7.11 32.86 -2.26
CA SER A 400 5.98 33.77 -2.43
C SER A 400 4.88 33.48 -1.43
N LEU A 401 4.76 32.22 -0.98
CA LEU A 401 3.68 31.86 -0.07
C LEU A 401 3.80 32.51 1.29
N VAL A 402 4.99 33.01 1.65
CA VAL A 402 5.14 33.69 2.94
C VAL A 402 4.18 34.86 3.05
N ALA A 403 3.87 35.52 1.93
CA ALA A 403 2.99 36.67 1.93
C ALA A 403 1.53 36.33 2.22
N LEU A 404 1.18 35.05 2.35
CA LEU A 404 -0.16 34.64 2.79
C LEU A 404 -0.25 34.63 4.29
N SER A 405 0.29 35.65 4.90
CA SER A 405 0.40 35.80 6.33
C SER A 405 0.24 37.27 6.58
N ASP A 406 0.57 37.69 7.80
CA ASP A 406 0.55 39.10 8.14
CA ASP A 406 0.55 39.11 8.13
C ASP A 406 1.86 39.79 7.82
N THR A 407 2.81 39.09 7.23
CA THR A 407 4.14 39.60 6.95
CA THR A 407 4.10 39.68 6.95
C THR A 407 4.39 39.64 5.45
N PRO A 408 4.90 40.75 4.90
CA PRO A 408 5.33 40.72 3.49
C PRO A 408 6.57 39.83 3.37
N VAL A 409 6.93 39.55 2.12
CA VAL A 409 8.20 38.89 1.82
C VAL A 409 8.81 39.59 0.63
N THR A 410 10.13 39.71 0.62
CA THR A 410 10.83 40.27 -0.52
C THR A 410 11.62 39.16 -1.19
N ILE A 411 11.36 38.95 -2.48
CA ILE A 411 11.97 37.90 -3.28
C ILE A 411 13.08 38.56 -4.10
N LEU A 412 14.31 38.14 -3.88
CA LEU A 412 15.42 38.65 -4.68
C LEU A 412 15.46 37.91 -6.02
N ASP A 413 15.87 38.65 -7.06
CA ASP A 413 15.99 38.11 -8.41
C ASP A 413 14.71 37.37 -8.84
N PRO A 414 13.55 38.03 -8.77
CA PRO A 414 12.29 37.34 -9.09
C PRO A 414 12.20 36.82 -10.50
N LYS A 415 12.97 37.37 -11.43
CA LYS A 415 12.92 36.91 -12.81
C LYS A 415 13.43 35.48 -12.96
N CYS A 416 14.08 34.90 -11.95
CA CYS A 416 14.50 33.51 -12.08
C CYS A 416 13.32 32.57 -12.25
N THR A 417 12.08 33.03 -11.95
CA THR A 417 10.94 32.14 -12.19
C THR A 417 10.85 31.74 -13.66
N ALA A 418 11.48 32.50 -14.57
CA ALA A 418 11.33 32.25 -16.00
C ALA A 418 11.89 30.91 -16.43
N LYS A 419 12.66 30.21 -15.57
CA LYS A 419 13.11 28.88 -16.00
C LYS A 419 11.94 27.99 -16.42
N THR A 420 10.82 28.08 -15.67
CA THR A 420 9.61 27.32 -15.97
C THR A 420 8.33 28.15 -15.99
N PHE A 421 8.33 29.39 -15.52
CA PHE A 421 7.06 30.08 -15.30
C PHE A 421 7.30 31.60 -15.32
N PRO A 422 7.52 32.17 -16.50
CA PRO A 422 7.84 33.60 -16.55
C PRO A 422 6.81 34.49 -15.88
N ASP A 423 5.52 34.18 -16.01
CA ASP A 423 4.47 35.05 -15.53
C ASP A 423 3.94 34.66 -14.15
N TYR A 424 4.73 33.92 -13.37
CA TYR A 424 4.26 33.43 -12.08
C TYR A 424 3.65 34.53 -11.22
N PHE A 425 4.38 35.63 -10.99
CA PHE A 425 3.90 36.60 -10.00
C PHE A 425 2.63 37.29 -10.46
N GLU A 426 2.48 37.54 -11.76
CA GLU A 426 1.25 38.11 -12.27
C GLU A 426 0.08 37.15 -12.08
N GLN A 427 0.32 35.85 -12.30
CA GLN A 427 -0.73 34.87 -12.09
C GLN A 427 -1.12 34.77 -10.63
N LEU A 428 -0.15 34.83 -9.72
CA LEU A 428 -0.48 34.84 -8.30
C LEU A 428 -1.28 36.10 -7.95
N ALA A 429 -0.88 37.24 -8.51
CA ALA A 429 -1.59 38.48 -8.20
C ALA A 429 -3.05 38.42 -8.65
N ARG A 430 -3.31 37.78 -9.78
CA ARG A 430 -4.67 37.72 -10.30
CA ARG A 430 -4.67 37.69 -10.32
C ARG A 430 -5.64 37.03 -9.35
N ILE A 431 -5.15 36.10 -8.52
CA ILE A 431 -6.02 35.40 -7.58
C ILE A 431 -5.90 35.91 -6.16
N SER A 432 -5.10 36.96 -5.94
CA SER A 432 -4.83 37.51 -4.63
C SER A 432 -5.69 38.73 -4.35
N THR A 433 -6.17 38.85 -3.12
CA THR A 433 -6.74 40.09 -2.60
C THR A 433 -5.83 40.53 -1.46
N LEU A 434 -5.24 41.71 -1.58
CA LEU A 434 -4.33 42.18 -0.56
C LEU A 434 -5.07 42.52 0.73
N ALA A 435 -4.41 42.29 1.86
CA ALA A 435 -4.94 42.72 3.14
C ALA A 435 -4.94 44.25 3.21
N MET B 9 -7.28 1.15 32.27
CA MET B 9 -7.33 -0.34 32.18
C MET B 9 -5.93 -0.94 32.03
N GLU B 10 -5.86 -2.27 32.04
CA GLU B 10 -4.58 -2.96 31.90
C GLU B 10 -3.98 -2.70 30.53
N SER B 11 -2.65 -2.68 30.47
CA SER B 11 -1.96 -2.49 29.21
C SER B 11 -0.61 -3.17 29.28
N LEU B 12 -0.05 -3.42 28.10
CA LEU B 12 1.29 -3.99 27.97
C LEU B 12 2.05 -3.19 26.92
N THR B 13 3.18 -2.61 27.32
CA THR B 13 4.05 -1.93 26.37
C THR B 13 5.13 -2.89 25.90
N LEU B 14 5.25 -3.00 24.59
CA LEU B 14 6.27 -3.82 23.95
C LEU B 14 7.43 -2.93 23.55
N GLN B 15 8.62 -3.26 24.08
CA GLN B 15 9.85 -2.60 23.71
C GLN B 15 10.21 -2.96 22.27
N PRO B 16 10.86 -2.06 21.55
CA PRO B 16 11.26 -2.37 20.17
C PRO B 16 12.14 -3.61 20.10
N ILE B 17 11.86 -4.43 19.10
CA ILE B 17 12.48 -5.73 18.89
C ILE B 17 13.42 -5.60 17.70
N ALA B 18 14.72 -5.84 17.92
CA ALA B 18 15.71 -5.70 16.86
C ALA B 18 15.70 -6.88 15.89
N ARG B 19 15.37 -8.08 16.36
CA ARG B 19 15.46 -9.27 15.52
C ARG B 19 14.62 -10.36 16.17
N VAL B 20 14.04 -11.23 15.34
CA VAL B 20 13.37 -12.43 15.83
C VAL B 20 14.00 -13.66 15.18
N GLU B 21 14.05 -14.75 15.94
CA GLU B 21 14.55 -16.02 15.43
C GLU B 21 14.23 -17.09 16.44
N GLY B 22 13.84 -18.26 15.97
CA GLY B 22 13.67 -19.38 16.89
C GLY B 22 12.59 -20.31 16.39
N THR B 23 12.28 -21.29 17.24
CA THR B 23 11.24 -22.28 16.98
C THR B 23 10.14 -22.14 18.01
N VAL B 24 8.91 -22.00 17.53
CA VAL B 24 7.71 -21.92 18.36
C VAL B 24 6.95 -23.23 18.23
N ASN B 25 6.74 -23.90 19.35
CA ASN B 25 5.89 -25.09 19.40
C ASN B 25 4.46 -24.61 19.62
N LEU B 26 3.62 -24.78 18.60
CA LEU B 26 2.33 -24.09 18.59
C LEU B 26 1.36 -24.71 19.59
N PRO B 27 0.55 -23.91 20.26
CA PRO B 27 -0.60 -24.46 20.99
C PRO B 27 -1.63 -24.98 19.99
N GLY B 28 -2.58 -25.76 20.52
CA GLY B 28 -3.55 -26.41 19.67
C GLY B 28 -4.42 -25.43 18.90
N SER B 29 -4.93 -25.93 17.78
CA SER B 29 -5.92 -25.21 16.98
C SER B 29 -7.24 -25.09 17.72
N LYS B 30 -7.76 -23.87 17.78
CA LYS B 30 -9.10 -23.65 18.33
C LYS B 30 -10.17 -24.33 17.48
N SER B 31 -10.08 -24.17 16.15
CA SER B 31 -11.08 -24.74 15.26
C SER B 31 -11.13 -26.26 15.38
N VAL B 32 -9.95 -26.89 15.35
CA VAL B 32 -9.90 -28.34 15.49
C VAL B 32 -10.31 -28.77 16.88
N SER B 33 -9.84 -28.08 17.92
CA SER B 33 -10.14 -28.47 19.30
C SER B 33 -11.63 -28.55 19.53
N ASN B 34 -12.37 -27.51 19.13
CA ASN B 34 -13.79 -27.50 19.47
C ASN B 34 -14.57 -28.52 18.63
N ARG B 35 -14.18 -28.73 17.37
CA ARG B 35 -14.81 -29.81 16.61
C ARG B 35 -14.51 -31.17 17.25
N ALA B 36 -13.25 -31.42 17.61
CA ALA B 36 -12.86 -32.72 18.10
C ALA B 36 -13.51 -33.02 19.44
N LEU B 37 -13.67 -32.00 20.29
CA LEU B 37 -14.35 -32.22 21.57
C LEU B 37 -15.81 -32.58 21.36
N LEU B 38 -16.51 -31.86 20.48
CA LEU B 38 -17.92 -32.17 20.26
C LEU B 38 -18.07 -33.56 19.64
N LEU B 39 -17.27 -33.87 18.62
CA LEU B 39 -17.37 -35.17 17.99
C LEU B 39 -17.01 -36.29 18.96
N ALA B 40 -15.98 -36.08 19.79
CA ALA B 40 -15.62 -37.08 20.78
C ALA B 40 -16.74 -37.31 21.77
N ALA B 41 -17.43 -36.23 22.17
CA ALA B 41 -18.54 -36.37 23.09
C ALA B 41 -19.69 -37.15 22.47
N LEU B 42 -19.95 -36.95 21.19
CA LEU B 42 -21.05 -37.64 20.52
C LEU B 42 -20.71 -39.10 20.16
N ALA B 43 -19.43 -39.41 19.96
CA ALA B 43 -19.03 -40.65 19.34
C ALA B 43 -19.17 -41.86 20.26
N ARG B 44 -19.16 -43.03 19.62
CA ARG B 44 -18.88 -44.29 20.29
C ARG B 44 -17.42 -44.32 20.72
N GLY B 45 -17.16 -44.81 21.93
CA GLY B 45 -15.81 -45.06 22.36
C GLY B 45 -15.18 -43.88 23.05
N THR B 46 -13.93 -44.07 23.44
CA THR B 46 -13.17 -43.10 24.22
C THR B 46 -12.06 -42.50 23.36
N THR B 47 -12.04 -41.17 23.26
CA THR B 47 -11.06 -40.45 22.47
C THR B 47 -10.03 -39.82 23.39
N VAL B 48 -8.76 -39.92 23.03
CA VAL B 48 -7.70 -39.25 23.75
C VAL B 48 -7.14 -38.17 22.84
N LEU B 49 -7.35 -36.92 23.22
CA LEU B 49 -6.92 -35.76 22.45
C LEU B 49 -5.59 -35.26 23.01
N THR B 50 -4.61 -35.13 22.12
CA THR B 50 -3.30 -34.56 22.43
C THR B 50 -3.16 -33.19 21.76
N ASN B 51 -2.55 -32.26 22.48
CA ASN B 51 -2.34 -30.89 22.04
C ASN B 51 -3.65 -30.12 21.90
N LEU B 52 -4.63 -30.47 22.73
CA LEU B 52 -5.82 -29.64 22.85
C LEU B 52 -5.43 -28.23 23.28
N LEU B 53 -6.12 -27.23 22.73
CA LEU B 53 -5.86 -25.84 23.11
C LEU B 53 -6.53 -25.54 24.45
N ASP B 54 -5.77 -24.89 25.34
CA ASP B 54 -6.33 -24.28 26.54
C ASP B 54 -6.51 -22.79 26.24
N SER B 55 -7.75 -22.37 26.03
CA SER B 55 -8.09 -20.97 25.79
C SER B 55 -9.55 -20.79 26.16
N ASP B 56 -10.02 -19.54 26.15
CA ASP B 56 -11.40 -19.30 26.57
C ASP B 56 -12.39 -20.08 25.71
N ASP B 57 -12.20 -20.05 24.38
CA ASP B 57 -13.20 -20.66 23.49
C ASP B 57 -13.32 -22.16 23.73
N VAL B 58 -12.19 -22.82 24.00
CA VAL B 58 -12.22 -24.25 24.31
C VAL B 58 -12.77 -24.49 25.70
N ARG B 59 -12.43 -23.64 26.67
CA ARG B 59 -12.95 -23.79 28.02
CA ARG B 59 -12.96 -23.80 28.01
CA ARG B 59 -12.95 -23.79 28.02
C ARG B 59 -14.47 -23.71 28.02
N HIS B 60 -15.04 -22.82 27.22
CA HIS B 60 -16.50 -22.73 27.18
C HIS B 60 -17.11 -24.02 26.62
N MET B 61 -16.48 -24.60 25.59
CA MET B 61 -16.93 -25.90 25.10
C MET B 61 -16.84 -26.98 26.19
N LEU B 62 -15.69 -27.05 26.87
CA LEU B 62 -15.51 -28.04 27.92
C LEU B 62 -16.57 -27.88 29.01
N ASN B 63 -16.84 -26.64 29.41
CA ASN B 63 -17.84 -26.40 30.45
C ASN B 63 -19.24 -26.81 29.98
N ALA B 64 -19.55 -26.55 28.71
CA ALA B 64 -20.84 -26.99 28.18
C ALA B 64 -20.94 -28.50 28.21
N LEU B 65 -19.88 -29.19 27.77
CA LEU B 65 -19.92 -30.64 27.74
C LEU B 65 -20.06 -31.21 29.15
N SER B 66 -19.37 -30.61 30.14
CA SER B 66 -19.54 -31.03 31.53
CA SER B 66 -19.54 -31.06 31.51
C SER B 66 -20.99 -30.89 31.96
N ALA B 67 -21.60 -29.74 31.65
CA ALA B 67 -22.98 -29.50 32.06
C ALA B 67 -23.94 -30.49 31.41
N LEU B 68 -23.59 -30.97 30.22
CA LEU B 68 -24.38 -31.95 29.49
C LEU B 68 -24.11 -33.39 29.93
N GLY B 69 -23.30 -33.60 30.95
CA GLY B 69 -23.07 -34.92 31.50
C GLY B 69 -21.96 -35.69 30.83
N VAL B 70 -21.18 -35.07 29.95
CA VAL B 70 -20.08 -35.77 29.31
C VAL B 70 -18.99 -36.00 30.34
N GLN B 71 -18.46 -37.22 30.37
CA GLN B 71 -17.36 -37.58 31.26
C GLN B 71 -16.05 -37.41 30.52
N TYR B 72 -15.15 -36.62 31.08
CA TYR B 72 -13.82 -36.48 30.52
C TYR B 72 -12.84 -36.13 31.61
N THR B 73 -11.58 -36.34 31.31
CA THR B 73 -10.49 -35.95 32.20
C THR B 73 -9.53 -35.06 31.43
N LEU B 74 -8.93 -34.12 32.15
CA LEU B 74 -7.93 -33.20 31.61
C LEU B 74 -6.61 -33.37 32.34
N SER B 75 -5.51 -33.27 31.61
CA SER B 75 -4.20 -33.22 32.23
C SER B 75 -4.05 -31.93 33.03
N ALA B 76 -2.97 -31.87 33.81
CA ALA B 76 -2.72 -30.70 34.64
C ALA B 76 -2.69 -29.42 33.81
N ASP B 77 -2.09 -29.47 32.61
CA ASP B 77 -1.99 -28.28 31.76
C ASP B 77 -3.15 -28.13 30.78
N ARG B 78 -4.15 -29.00 30.88
CA ARG B 78 -5.39 -28.89 30.11
C ARG B 78 -5.19 -29.10 28.60
N THR B 79 -4.05 -29.67 28.20
CA THR B 79 -3.80 -29.93 26.77
C THR B 79 -3.99 -31.38 26.38
N ARG B 80 -4.21 -32.27 27.34
CA ARG B 80 -4.52 -33.66 27.04
C ARG B 80 -5.87 -33.95 27.65
N CYS B 81 -6.78 -34.50 26.84
CA CYS B 81 -8.16 -34.69 27.28
C CYS B 81 -8.65 -36.07 26.85
N GLU B 82 -9.15 -36.86 27.80
CA GLU B 82 -9.72 -38.17 27.52
CA GLU B 82 -9.73 -38.17 27.51
C GLU B 82 -11.24 -38.06 27.67
N VAL B 83 -11.96 -38.26 26.56
CA VAL B 83 -13.40 -38.07 26.51
C VAL B 83 -14.08 -39.42 26.36
N THR B 84 -14.99 -39.75 27.27
CA THR B 84 -15.82 -40.95 27.13
C THR B 84 -17.00 -40.59 26.25
N GLY B 85 -17.05 -41.15 25.05
CA GLY B 85 -18.10 -40.81 24.12
C GLY B 85 -19.46 -41.30 24.59
N ASN B 86 -20.48 -40.50 24.27
CA ASN B 86 -21.86 -40.79 24.62
C ASN B 86 -22.51 -41.77 23.65
N GLY B 87 -21.95 -41.98 22.46
CA GLY B 87 -22.57 -42.82 21.47
C GLY B 87 -23.88 -42.30 20.96
N GLY B 88 -24.09 -41.00 21.00
CA GLY B 88 -25.28 -40.41 20.46
C GLY B 88 -25.50 -39.02 20.98
N PRO B 89 -26.63 -38.41 20.60
CA PRO B 89 -26.93 -37.03 20.99
C PRO B 89 -26.82 -36.81 22.49
N LEU B 90 -26.34 -35.61 22.84
CA LEU B 90 -26.21 -35.23 24.24
C LEU B 90 -27.58 -34.80 24.76
N ARG B 91 -27.95 -35.35 25.90
CA ARG B 91 -29.29 -35.14 26.46
C ARG B 91 -29.11 -34.75 27.93
N SER B 92 -29.82 -33.72 28.35
CA SER B 92 -29.86 -33.32 29.74
C SER B 92 -31.29 -33.45 30.24
N ALA B 93 -31.48 -34.18 31.33
CA ALA B 93 -32.84 -34.32 31.86
C ALA B 93 -33.44 -32.97 32.25
N ALA B 94 -32.67 -32.15 32.95
CA ALA B 94 -33.17 -30.86 33.38
C ALA B 94 -32.86 -29.79 32.35
N ALA B 95 -33.61 -28.70 32.43
CA ALA B 95 -33.32 -27.54 31.61
C ALA B 95 -31.97 -26.97 31.99
N LEU B 96 -31.25 -26.45 31.00
CA LEU B 96 -29.91 -25.91 31.20
C LEU B 96 -29.82 -24.56 30.52
N GLU B 97 -28.93 -23.72 31.06
CA GLU B 97 -28.47 -22.53 30.36
C GLU B 97 -26.96 -22.59 30.26
N LEU B 98 -26.47 -22.56 29.02
CA LEU B 98 -25.04 -22.69 28.75
C LEU B 98 -24.50 -21.35 28.29
N PHE B 99 -23.48 -20.87 28.99
CA PHE B 99 -22.81 -19.63 28.65
C PHE B 99 -21.59 -19.94 27.81
N LEU B 100 -21.55 -19.37 26.60
CA LEU B 100 -20.55 -19.75 25.61
C LEU B 100 -19.60 -18.60 25.27
N GLY B 101 -19.48 -17.62 26.15
CA GLY B 101 -18.53 -16.53 25.93
C GLY B 101 -18.82 -15.81 24.63
N ASN B 102 -17.79 -15.69 23.81
CA ASN B 102 -17.94 -15.20 22.45
C ASN B 102 -17.37 -16.23 21.47
N ALA B 103 -17.56 -17.52 21.78
CA ALA B 103 -16.99 -18.62 21.01
C ALA B 103 -17.98 -19.06 19.94
N GLY B 104 -17.81 -18.57 18.71
CA GLY B 104 -18.64 -19.04 17.62
C GLY B 104 -18.53 -20.54 17.39
N THR B 105 -17.35 -21.10 17.58
CA THR B 105 -17.12 -22.52 17.37
C THR B 105 -17.70 -23.38 18.49
N ALA B 106 -18.23 -22.78 19.56
CA ALA B 106 -19.13 -23.48 20.45
C ALA B 106 -20.59 -23.16 20.14
N MET B 107 -20.91 -21.88 20.00
CA MET B 107 -22.31 -21.48 19.82
C MET B 107 -22.94 -22.08 18.56
N ARG B 108 -22.28 -21.94 17.41
CA ARG B 108 -22.90 -22.44 16.17
C ARG B 108 -22.98 -23.96 16.19
N PRO B 109 -21.89 -24.70 16.43
CA PRO B 109 -22.01 -26.18 16.44
C PRO B 109 -22.97 -26.70 17.50
N LEU B 110 -22.99 -26.12 18.70
CA LEU B 110 -23.90 -26.62 19.73
C LEU B 110 -25.35 -26.25 19.41
N ALA B 111 -25.58 -25.09 18.78
CA ALA B 111 -26.95 -24.75 18.43
C ALA B 111 -27.56 -25.82 17.53
N ALA B 112 -26.76 -26.37 16.61
CA ALA B 112 -27.25 -27.48 15.78
C ALA B 112 -27.31 -28.80 16.54
N ALA B 113 -26.21 -29.17 17.20
CA ALA B 113 -26.11 -30.50 17.76
C ALA B 113 -27.15 -30.73 18.85
N LEU B 114 -27.44 -29.71 19.63
CA LEU B 114 -28.40 -29.82 20.72
C LEU B 114 -29.84 -29.71 20.24
N CYS B 115 -30.05 -29.68 18.93
CA CYS B 115 -31.38 -29.89 18.37
C CYS B 115 -31.70 -31.36 18.10
N LEU B 116 -30.76 -32.27 18.37
CA LEU B 116 -31.00 -33.69 18.19
C LEU B 116 -31.73 -34.22 19.43
N GLY B 117 -32.83 -34.93 19.21
CA GLY B 117 -33.60 -35.42 20.34
C GLY B 117 -34.35 -34.26 20.95
N SER B 118 -34.76 -34.44 22.19
CA SER B 118 -35.47 -33.39 22.91
C SER B 118 -34.64 -32.94 24.10
N ASN B 119 -34.77 -31.67 24.40
CA ASN B 119 -34.01 -31.04 25.47
C ASN B 119 -34.72 -29.73 25.76
N ASP B 120 -34.22 -28.99 26.73
CA ASP B 120 -34.66 -27.61 26.98
C ASP B 120 -33.40 -26.87 27.40
N ILE B 121 -32.70 -26.32 26.41
CA ILE B 121 -31.37 -25.75 26.63
CA ILE B 121 -31.37 -25.75 26.63
C ILE B 121 -31.31 -24.35 26.04
N VAL B 122 -30.91 -23.39 26.85
CA VAL B 122 -30.66 -22.03 26.39
C VAL B 122 -29.18 -21.88 26.14
N LEU B 123 -28.83 -21.38 24.97
CA LEU B 123 -27.46 -20.99 24.65
C LEU B 123 -27.37 -19.48 24.66
N THR B 124 -26.42 -18.96 25.42
CA THR B 124 -26.19 -17.54 25.47
C THR B 124 -24.69 -17.28 25.55
N GLY B 125 -24.33 -16.02 25.73
CA GLY B 125 -22.93 -15.66 25.83
C GLY B 125 -22.78 -14.20 26.19
N GLU B 126 -21.60 -13.68 25.91
CA GLU B 126 -21.27 -12.29 26.20
C GLU B 126 -22.11 -11.35 25.36
N PRO B 127 -22.20 -10.06 25.72
CA PRO B 127 -23.04 -9.14 24.92
C PRO B 127 -22.74 -9.16 23.43
N ARG B 128 -21.45 -9.22 23.07
CA ARG B 128 -21.10 -9.21 21.66
C ARG B 128 -21.69 -10.44 20.96
N MET B 129 -21.73 -11.58 21.64
CA MET B 129 -22.25 -12.78 20.99
C MET B 129 -23.73 -12.61 20.66
N LYS B 130 -24.46 -11.85 21.49
CA LYS B 130 -25.85 -11.58 21.17
C LYS B 130 -26.00 -10.62 20.00
N GLU B 131 -24.90 -10.01 19.57
CA GLU B 131 -24.87 -9.21 18.35
C GLU B 131 -24.34 -9.96 17.12
N ARG B 132 -23.99 -11.24 17.25
CA ARG B 132 -23.42 -11.97 16.13
C ARG B 132 -24.46 -12.91 15.52
N PRO B 133 -24.59 -12.91 14.20
CA PRO B 133 -25.77 -13.53 13.58
C PRO B 133 -25.76 -15.04 13.66
N ILE B 134 -26.96 -15.61 13.78
CA ILE B 134 -27.13 -17.04 13.74
C ILE B 134 -28.40 -17.46 13.00
N GLY B 135 -29.15 -16.50 12.46
CA GLY B 135 -30.41 -16.82 11.84
C GLY B 135 -30.33 -17.77 10.66
N HIS B 136 -29.25 -17.71 9.89
CA HIS B 136 -29.16 -18.64 8.76
C HIS B 136 -29.15 -20.08 9.23
N LEU B 137 -28.49 -20.32 10.37
CA LEU B 137 -28.46 -21.65 10.98
C LEU B 137 -29.82 -22.00 11.57
N VAL B 138 -30.42 -21.08 12.33
CA VAL B 138 -31.74 -21.34 12.90
C VAL B 138 -32.74 -21.67 11.80
N ASP B 139 -32.71 -20.93 10.70
CA ASP B 139 -33.65 -21.17 9.61
C ASP B 139 -33.50 -22.59 9.09
N ALA B 140 -32.25 -23.03 8.86
CA ALA B 140 -32.03 -24.38 8.34
C ALA B 140 -32.46 -25.44 9.34
N LEU B 141 -32.14 -25.25 10.62
CA LEU B 141 -32.52 -26.23 11.63
C LEU B 141 -34.03 -26.35 11.75
N ARG B 142 -34.74 -25.22 11.72
CA ARG B 142 -36.20 -25.25 11.75
C ARG B 142 -36.76 -25.93 10.51
N GLN B 143 -36.15 -25.69 9.34
CA GLN B 143 -36.62 -26.35 8.12
C GLN B 143 -36.52 -27.86 8.26
N GLY B 144 -35.55 -28.34 9.00
CA GLY B 144 -35.38 -29.75 9.26
C GLY B 144 -36.14 -30.27 10.46
N GLY B 145 -36.98 -29.45 11.08
CA GLY B 145 -37.89 -29.89 12.12
C GLY B 145 -37.55 -29.43 13.53
N ALA B 146 -36.43 -28.74 13.73
CA ALA B 146 -36.06 -28.35 15.08
C ALA B 146 -36.99 -27.27 15.62
N GLN B 147 -37.20 -27.32 16.93
CA GLN B 147 -37.95 -26.30 17.67
C GLN B 147 -36.94 -25.40 18.37
N ILE B 148 -36.91 -24.14 17.97
CA ILE B 148 -35.95 -23.15 18.47
C ILE B 148 -36.71 -21.87 18.73
N ASP B 149 -36.47 -21.25 19.88
CA ASP B 149 -37.03 -19.94 20.16
C ASP B 149 -35.90 -18.94 20.32
N CYS B 150 -35.99 -17.84 19.59
CA CYS B 150 -35.06 -16.74 19.76
C CYS B 150 -35.63 -15.85 20.85
N LEU B 151 -35.01 -15.86 22.03
CA LEU B 151 -35.66 -15.31 23.21
C LEU B 151 -35.70 -13.79 23.21
N GLU B 152 -34.81 -13.14 22.46
CA GLU B 152 -34.77 -11.69 22.40
C GLU B 152 -35.17 -11.16 21.03
N GLN B 153 -34.58 -11.69 19.97
CA GLN B 153 -34.93 -11.30 18.63
C GLN B 153 -34.47 -12.40 17.68
N GLU B 154 -35.20 -12.53 16.58
CA GLU B 154 -34.82 -13.50 15.58
C GLU B 154 -33.43 -13.17 15.05
N ASN B 155 -32.73 -14.21 14.64
CA ASN B 155 -31.46 -14.15 13.92
C ASN B 155 -30.27 -13.92 14.85
N TYR B 156 -30.45 -13.86 16.16
CA TYR B 156 -29.35 -13.68 17.11
C TYR B 156 -29.58 -14.54 18.34
N PRO B 157 -28.51 -14.98 19.00
CA PRO B 157 -28.66 -15.54 20.35
C PRO B 157 -29.22 -14.48 21.27
N PRO B 158 -29.77 -14.85 22.42
CA PRO B 158 -29.83 -16.21 22.96
C PRO B 158 -30.93 -17.08 22.36
N LEU B 159 -30.69 -18.38 22.35
CA LEU B 159 -31.59 -19.36 21.76
C LEU B 159 -32.04 -20.34 22.82
N ARG B 160 -33.31 -20.72 22.78
CA ARG B 160 -33.81 -21.86 23.52
C ARG B 160 -34.04 -23.01 22.54
N LEU B 161 -33.34 -24.12 22.76
CA LEU B 161 -33.38 -25.29 21.90
C LEU B 161 -34.24 -26.35 22.58
N ARG B 162 -35.34 -26.74 21.93
CA ARG B 162 -36.16 -27.83 22.42
C ARG B 162 -36.04 -29.10 21.59
N GLY B 163 -35.27 -29.06 20.51
CA GLY B 163 -34.92 -30.27 19.80
C GLY B 163 -35.88 -30.63 18.69
N GLY B 164 -35.80 -31.89 18.29
CA GLY B 164 -36.67 -32.38 17.25
C GLY B 164 -36.14 -32.34 15.84
N PHE B 165 -34.87 -32.00 15.61
CA PHE B 165 -34.35 -31.99 14.25
C PHE B 165 -34.47 -33.39 13.63
N GLN B 166 -35.10 -33.47 12.46
CA GLN B 166 -35.34 -34.73 11.77
C GLN B 166 -34.38 -34.96 10.61
N GLY B 167 -34.01 -33.91 9.88
CA GLY B 167 -33.29 -34.04 8.65
C GLY B 167 -34.12 -33.53 7.49
N GLY B 168 -34.00 -34.17 6.34
CA GLY B 168 -34.74 -33.79 5.18
C GLY B 168 -33.99 -32.81 4.31
N ASN B 169 -34.74 -32.14 3.45
CA ASN B 169 -34.18 -31.15 2.54
C ASN B 169 -34.14 -29.81 3.25
N VAL B 170 -32.95 -29.24 3.38
CA VAL B 170 -32.78 -27.94 4.01
C VAL B 170 -31.89 -27.08 3.14
N GLU B 171 -32.06 -25.77 3.27
CA GLU B 171 -31.19 -24.80 2.62
C GLU B 171 -30.46 -24.01 3.69
N VAL B 172 -29.22 -23.66 3.43
CA VAL B 172 -28.46 -22.81 4.33
C VAL B 172 -27.74 -21.74 3.52
N ASP B 173 -27.81 -20.53 4.01
CA ASP B 173 -27.05 -19.42 3.48
C ASP B 173 -25.59 -19.56 3.91
N GLY B 174 -24.68 -19.53 2.95
CA GLY B 174 -23.26 -19.57 3.23
C GLY B 174 -22.55 -18.24 3.11
N SER B 175 -23.29 -17.14 2.96
CA SER B 175 -22.69 -15.88 2.57
C SER B 175 -22.18 -15.05 3.75
N VAL B 176 -22.56 -15.39 4.98
CA VAL B 176 -22.15 -14.64 6.17
C VAL B 176 -21.20 -15.44 7.04
N SER B 177 -21.46 -16.72 7.25
CA SER B 177 -20.55 -17.57 8.01
C SER B 177 -20.57 -18.97 7.43
N SER B 178 -19.40 -19.59 7.33
CA SER B 178 -19.34 -21.02 7.04
C SER B 178 -19.78 -21.85 8.23
N GLN B 179 -19.82 -21.27 9.43
CA GLN B 179 -20.05 -22.08 10.63
C GLN B 179 -21.45 -22.65 10.66
N PHE B 180 -22.41 -22.01 9.99
CA PHE B 180 -23.75 -22.55 9.95
C PHE B 180 -23.77 -23.88 9.21
N LEU B 181 -23.13 -23.93 8.03
CA LEU B 181 -22.97 -25.18 7.31
C LEU B 181 -22.15 -26.21 8.11
N THR B 182 -21.04 -25.78 8.73
CA THR B 182 -20.28 -26.72 9.57
C THR B 182 -21.17 -27.35 10.63
N ALA B 183 -21.98 -26.52 11.29
CA ALA B 183 -22.83 -27.01 12.37
C ALA B 183 -23.83 -28.02 11.86
N LEU B 184 -24.47 -27.73 10.71
CA LEU B 184 -25.39 -28.68 10.11
C LEU B 184 -24.70 -29.98 9.72
N LEU B 185 -23.51 -29.89 9.14
CA LEU B 185 -22.80 -31.08 8.70
C LEU B 185 -22.49 -32.00 9.87
N MET B 186 -22.07 -31.46 11.00
CA MET B 186 -21.72 -32.32 12.12
CA MET B 186 -21.71 -32.31 12.14
C MET B 186 -22.94 -32.92 12.78
N THR B 187 -24.08 -32.23 12.70
CA THR B 187 -25.31 -32.72 13.33
C THR B 187 -26.06 -33.74 12.48
N ALA B 188 -26.12 -33.50 11.18
CA ALA B 188 -26.97 -34.30 10.30
C ALA B 188 -26.74 -35.80 10.38
N PRO B 189 -25.52 -36.31 10.51
CA PRO B 189 -25.35 -37.78 10.52
C PRO B 189 -26.12 -38.47 11.62
N LEU B 190 -26.43 -37.78 12.70
CA LEU B 190 -27.11 -38.35 13.85
CA LEU B 190 -27.11 -38.36 13.84
C LEU B 190 -28.62 -38.18 13.77
N ALA B 191 -29.12 -37.51 12.75
CA ALA B 191 -30.54 -37.25 12.64
C ALA B 191 -31.30 -38.51 12.22
N PRO B 192 -32.61 -38.57 12.51
CA PRO B 192 -33.36 -39.78 12.15
C PRO B 192 -33.64 -39.94 10.67
N GLN B 193 -33.51 -38.91 9.85
CA GLN B 193 -33.66 -38.99 8.41
C GLN B 193 -32.38 -38.53 7.74
N ASP B 194 -32.18 -38.95 6.49
CA ASP B 194 -31.12 -38.40 5.66
C ASP B 194 -31.38 -36.91 5.43
N THR B 195 -30.31 -36.17 5.21
CA THR B 195 -30.39 -34.72 5.02
C THR B 195 -29.72 -34.34 3.70
N VAL B 196 -30.37 -33.45 2.96
CA VAL B 196 -29.76 -32.81 1.79
C VAL B 196 -29.66 -31.34 2.13
N ILE B 197 -28.44 -30.83 2.17
CA ILE B 197 -28.17 -29.42 2.48
C ILE B 197 -27.80 -28.71 1.17
N VAL B 198 -28.62 -27.75 0.77
CA VAL B 198 -28.36 -26.93 -0.41
C VAL B 198 -27.85 -25.57 0.05
N ILE B 199 -26.74 -25.13 -0.53
CA ILE B 199 -26.20 -23.81 -0.24
C ILE B 199 -26.93 -22.80 -1.10
N LYS B 200 -27.47 -21.77 -0.48
CA LYS B 200 -28.33 -20.83 -1.25
C LYS B 200 -27.56 -20.07 -2.32
N GLY B 201 -26.40 -19.52 -1.97
CA GLY B 201 -25.62 -18.72 -2.87
C GLY B 201 -24.13 -18.92 -2.66
N ASP B 202 -23.43 -17.83 -2.39
CA ASP B 202 -22.01 -17.88 -2.16
C ASP B 202 -21.69 -18.58 -0.82
N LEU B 203 -20.50 -19.13 -0.75
CA LEU B 203 -20.00 -19.73 0.48
C LEU B 203 -18.68 -19.07 0.84
N VAL B 204 -18.66 -18.38 1.97
CA VAL B 204 -17.44 -17.78 2.48
C VAL B 204 -16.70 -18.80 3.34
N SER B 205 -15.41 -18.53 3.58
CA SER B 205 -14.63 -19.30 4.54
C SER B 205 -14.64 -20.80 4.20
N LYS B 206 -14.60 -21.11 2.90
CA LYS B 206 -14.71 -22.50 2.47
C LYS B 206 -13.70 -23.43 3.14
N PRO B 207 -12.45 -23.04 3.37
CA PRO B 207 -11.52 -23.99 3.99
C PRO B 207 -11.98 -24.51 5.35
N TYR B 208 -12.79 -23.75 6.07
CA TYR B 208 -13.29 -24.27 7.35
C TYR B 208 -14.28 -25.41 7.15
N ILE B 209 -15.00 -25.42 6.02
CA ILE B 209 -15.80 -26.59 5.68
C ILE B 209 -14.90 -27.79 5.50
N ASP B 210 -13.77 -27.59 4.82
CA ASP B 210 -12.82 -28.70 4.70
C ASP B 210 -12.35 -29.21 6.06
N ILE B 211 -12.06 -28.32 7.01
CA ILE B 211 -11.71 -28.79 8.35
C ILE B 211 -12.81 -29.70 8.88
N THR B 212 -14.06 -29.25 8.79
CA THR B 212 -15.17 -30.03 9.34
C THR B 212 -15.24 -31.41 8.71
N LEU B 213 -15.10 -31.48 7.38
CA LEU B 213 -15.21 -32.76 6.70
C LEU B 213 -14.06 -33.69 7.08
N HIS B 214 -12.84 -33.15 7.22
CA HIS B 214 -11.73 -33.99 7.67
C HIS B 214 -11.98 -34.54 9.06
N LEU B 215 -12.47 -33.70 9.97
CA LEU B 215 -12.72 -34.14 11.34
C LEU B 215 -13.82 -35.19 11.38
N MET B 216 -14.89 -34.99 10.61
CA MET B 216 -15.95 -35.98 10.57
C MET B 216 -15.43 -37.30 10.04
N LYS B 217 -14.58 -37.28 9.01
CA LYS B 217 -14.02 -38.52 8.49
C LYS B 217 -13.15 -39.22 9.52
N THR B 218 -12.34 -38.46 10.25
CA THR B 218 -11.57 -39.04 11.35
C THR B 218 -12.46 -39.80 12.31
N PHE B 219 -13.65 -39.26 12.59
CA PHE B 219 -14.62 -39.86 13.49
C PHE B 219 -15.62 -40.77 12.77
N GLY B 220 -15.26 -41.26 11.58
CA GLY B 220 -15.98 -42.36 10.95
C GLY B 220 -17.13 -42.02 10.04
N VAL B 221 -17.30 -40.73 9.68
CA VAL B 221 -18.47 -40.29 8.94
C VAL B 221 -18.04 -39.54 7.68
N GLU B 222 -18.63 -39.91 6.56
CA GLU B 222 -18.38 -39.27 5.28
C GLU B 222 -19.67 -38.62 4.77
N VAL B 223 -19.49 -37.69 3.85
CA VAL B 223 -20.54 -36.84 3.30
C VAL B 223 -20.35 -36.84 1.79
N ASP B 224 -21.45 -36.73 1.04
CA ASP B 224 -21.35 -36.51 -0.40
C ASP B 224 -21.34 -35.01 -0.66
N ASN B 225 -20.15 -34.46 -0.91
CA ASN B 225 -19.97 -33.03 -1.16
C ASN B 225 -20.00 -32.79 -2.67
N GLN B 226 -21.08 -32.21 -3.15
CA GLN B 226 -21.29 -31.94 -4.58
C GLN B 226 -20.91 -30.48 -4.81
N SER B 227 -19.61 -30.28 -5.07
CA SER B 227 -19.03 -29.00 -5.48
C SER B 227 -19.29 -27.89 -4.48
N TYR B 228 -19.39 -28.23 -3.20
CA TYR B 228 -19.66 -27.28 -2.14
C TYR B 228 -20.98 -26.55 -2.32
N GLN B 229 -21.84 -27.03 -3.20
CA GLN B 229 -23.15 -26.44 -3.37
C GLN B 229 -24.29 -27.31 -2.88
N ARG B 230 -24.04 -28.61 -2.71
CA ARG B 230 -25.07 -29.50 -2.19
C ARG B 230 -24.38 -30.63 -1.45
N PHE B 231 -24.84 -30.93 -0.24
CA PHE B 231 -24.24 -31.96 0.58
C PHE B 231 -25.29 -32.99 0.93
N VAL B 232 -25.02 -34.25 0.65
CA VAL B 232 -25.93 -35.35 0.99
C VAL B 232 -25.34 -36.10 2.16
N VAL B 233 -26.11 -36.18 3.25
CA VAL B 233 -25.70 -36.81 4.50
C VAL B 233 -26.68 -37.92 4.83
N ARG B 234 -26.16 -39.12 5.11
CA ARG B 234 -27.01 -40.19 5.58
C ARG B 234 -27.26 -40.00 7.08
N GLY B 235 -28.51 -40.19 7.51
CA GLY B 235 -28.84 -40.14 8.91
C GLY B 235 -28.59 -41.46 9.59
N LYS B 236 -29.00 -41.52 10.86
CA LYS B 236 -29.00 -42.76 11.63
C LYS B 236 -27.60 -43.32 11.87
N GLN B 237 -26.58 -42.46 11.85
CA GLN B 237 -25.22 -42.91 12.05
C GLN B 237 -24.80 -42.69 13.50
N GLN B 238 -23.67 -43.30 13.84
CA GLN B 238 -22.91 -42.95 15.04
C GLN B 238 -21.50 -42.57 14.61
N TYR B 239 -20.96 -41.53 15.22
CA TYR B 239 -19.54 -41.29 15.10
C TYR B 239 -18.80 -42.38 15.86
N GLN B 240 -17.58 -42.67 15.44
CA GLN B 240 -16.73 -43.66 16.10
C GLN B 240 -15.41 -42.99 16.46
N SER B 241 -15.04 -43.06 17.72
CA SER B 241 -13.78 -42.49 18.15
C SER B 241 -12.61 -43.11 17.37
N PRO B 242 -11.61 -42.30 16.98
CA PRO B 242 -10.40 -42.85 16.37
C PRO B 242 -9.42 -43.41 17.41
N GLY B 243 -9.76 -43.31 18.70
CA GLY B 243 -8.80 -43.60 19.76
C GLY B 243 -7.98 -42.35 20.08
N ASP B 244 -6.71 -42.39 19.74
CA ASP B 244 -5.89 -41.20 19.83
C ASP B 244 -6.19 -40.24 18.70
N TYR B 245 -6.19 -38.95 19.01
CA TYR B 245 -6.29 -37.91 18.00
C TYR B 245 -5.38 -36.76 18.37
N LEU B 246 -4.50 -36.41 17.44
CA LEU B 246 -3.56 -35.31 17.61
C LEU B 246 -4.18 -34.05 17.03
N VAL B 247 -4.42 -33.07 17.89
CA VAL B 247 -4.89 -31.76 17.47
C VAL B 247 -3.72 -30.98 16.87
N GLU B 248 -3.87 -30.55 15.63
CA GLU B 248 -2.86 -29.72 14.99
C GLU B 248 -2.58 -28.46 15.80
N GLY B 249 -1.33 -27.98 15.71
CA GLY B 249 -1.04 -26.63 16.16
C GLY B 249 -1.90 -25.62 15.42
N ASP B 250 -2.15 -24.47 16.06
CA ASP B 250 -3.05 -23.49 15.47
C ASP B 250 -2.33 -22.68 14.39
N ALA B 251 -2.80 -22.81 13.13
CA ALA B 251 -2.18 -22.10 12.01
C ALA B 251 -2.49 -20.60 12.04
N SER B 252 -3.59 -20.21 12.66
CA SER B 252 -3.86 -18.78 12.82
C SER B 252 -2.92 -18.17 13.85
N SER B 253 -2.73 -18.86 14.97
CA SER B 253 -1.74 -18.43 15.95
C SER B 253 -0.34 -18.40 15.35
N ALA B 254 -0.05 -19.32 14.42
CA ALA B 254 1.25 -19.37 13.79
C ALA B 254 1.51 -18.13 12.95
N SER B 255 0.45 -17.52 12.42
CA SER B 255 0.66 -16.40 11.49
C SER B 255 1.51 -15.29 12.10
N TYR B 256 1.35 -14.99 13.39
CA TYR B 256 2.10 -13.88 14.00
C TYR B 256 3.59 -14.15 13.96
N PHE B 257 4.00 -15.38 14.26
CA PHE B 257 5.40 -15.72 14.33
C PHE B 257 6.03 -15.80 12.94
N LEU B 258 5.29 -16.37 11.97
CA LEU B 258 5.80 -16.39 10.61
C LEU B 258 5.93 -14.97 10.06
N ALA B 259 4.95 -14.13 10.32
CA ALA B 259 5.04 -12.74 9.89
C ALA B 259 6.21 -12.03 10.56
N ALA B 260 6.43 -12.28 11.86
CA ALA B 260 7.54 -11.65 12.55
C ALA B 260 8.84 -12.03 11.89
N GLY B 261 8.99 -13.31 11.50
CA GLY B 261 10.17 -13.71 10.74
C GLY B 261 10.30 -12.98 9.43
N ALA B 262 9.19 -12.85 8.70
CA ALA B 262 9.20 -12.12 7.43
C ALA B 262 9.67 -10.67 7.60
N ILE B 263 9.24 -10.03 8.69
CA ILE B 263 9.50 -8.62 8.92
C ILE B 263 10.90 -8.39 9.50
N LYS B 264 11.29 -9.19 10.48
CA LYS B 264 12.43 -8.86 11.35
C LYS B 264 13.32 -10.06 11.65
N GLY B 265 13.21 -11.15 10.91
CA GLY B 265 14.10 -12.28 11.08
C GLY B 265 15.42 -12.07 10.36
N GLY B 266 16.31 -13.06 10.45
CA GLY B 266 16.09 -14.29 11.20
C GLY B 266 15.21 -15.29 10.48
N THR B 267 15.24 -16.52 11.00
CA THR B 267 14.30 -17.55 10.61
C THR B 267 13.43 -17.92 11.80
N VAL B 268 12.12 -17.86 11.60
CA VAL B 268 11.18 -18.28 12.63
C VAL B 268 10.45 -19.51 12.12
N LYS B 269 10.55 -20.59 12.90
CA LYS B 269 9.94 -21.86 12.57
C LYS B 269 8.81 -22.12 13.55
N VAL B 270 7.69 -22.62 13.06
CA VAL B 270 6.58 -23.08 13.89
C VAL B 270 6.41 -24.57 13.66
N THR B 271 6.21 -25.30 14.76
CA THR B 271 5.99 -26.73 14.69
C THR B 271 4.55 -27.05 15.09
N GLY B 272 4.06 -28.18 14.57
CA GLY B 272 2.69 -28.62 14.83
C GLY B 272 1.77 -28.47 13.65
N ILE B 273 2.22 -27.80 12.59
CA ILE B 273 1.52 -27.71 11.32
C ILE B 273 2.57 -27.90 10.22
N GLY B 274 2.09 -28.22 9.03
CA GLY B 274 2.98 -28.48 7.92
C GLY B 274 2.22 -28.54 6.62
N ARG B 275 2.88 -29.05 5.59
CA ARG B 275 2.32 -28.97 4.25
C ARG B 275 0.98 -29.70 4.12
N ASN B 276 0.73 -30.72 4.96
CA ASN B 276 -0.47 -31.53 4.83
C ASN B 276 -1.53 -31.21 5.87
N SER B 277 -1.39 -30.10 6.60
CA SER B 277 -2.37 -29.81 7.62
CA SER B 277 -2.36 -29.74 7.62
C SER B 277 -3.73 -29.50 7.00
N VAL B 278 -4.78 -29.75 7.79
CA VAL B 278 -6.14 -29.55 7.33
C VAL B 278 -6.61 -28.10 7.47
N GLN B 279 -5.92 -27.28 8.25
CA GLN B 279 -6.32 -25.90 8.45
C GLN B 279 -6.00 -25.06 7.23
N GLY B 280 -6.97 -24.26 6.78
CA GLY B 280 -6.75 -23.38 5.66
C GLY B 280 -5.73 -22.29 5.92
N ASP B 281 -5.51 -21.92 7.18
CA ASP B 281 -4.61 -20.79 7.44
C ASP B 281 -3.16 -21.12 7.18
N ILE B 282 -2.78 -22.37 6.88
CA ILE B 282 -1.43 -22.60 6.41
C ILE B 282 -1.18 -21.81 5.13
N ARG B 283 -2.23 -21.52 4.36
CA ARG B 283 -2.06 -20.77 3.11
C ARG B 283 -1.64 -19.33 3.37
N PHE B 284 -1.73 -18.85 4.62
CA PHE B 284 -1.17 -17.55 4.96
C PHE B 284 0.31 -17.47 4.59
N ALA B 285 1.05 -18.58 4.76
CA ALA B 285 2.47 -18.52 4.43
C ALA B 285 2.68 -18.16 2.96
N ASP B 286 1.78 -18.59 2.08
CA ASP B 286 1.91 -18.26 0.66
C ASP B 286 1.91 -16.75 0.47
N VAL B 287 1.10 -16.03 1.26
CA VAL B 287 1.04 -14.58 1.14
C VAL B 287 2.38 -13.97 1.50
N LEU B 288 2.99 -14.44 2.59
CA LEU B 288 4.31 -13.91 2.97
C LEU B 288 5.31 -14.15 1.85
N GLU B 289 5.21 -15.32 1.18
CA GLU B 289 6.11 -15.61 0.08
C GLU B 289 5.89 -14.63 -1.05
N LYS B 290 4.61 -14.33 -1.32
CA LYS B 290 4.27 -13.37 -2.37
C LYS B 290 4.78 -11.99 -2.01
N MET B 291 4.86 -11.67 -0.71
CA MET B 291 5.37 -10.38 -0.30
C MET B 291 6.89 -10.31 -0.38
N GLY B 292 7.58 -11.44 -0.48
CA GLY B 292 9.03 -11.44 -0.63
C GLY B 292 9.79 -12.18 0.44
N ALA B 293 9.11 -12.74 1.45
CA ALA B 293 9.79 -13.55 2.43
C ALA B 293 10.11 -14.92 1.83
N THR B 294 11.02 -15.65 2.48
CA THR B 294 11.35 -17.01 2.08
C THR B 294 10.63 -17.97 3.01
N VAL B 295 9.88 -18.91 2.45
CA VAL B 295 9.08 -19.84 3.23
C VAL B 295 9.59 -21.24 2.95
N THR B 296 9.85 -22.01 4.00
CA THR B 296 10.25 -23.40 3.88
CA THR B 296 10.27 -23.40 3.92
C THR B 296 9.21 -24.28 4.57
N TRP B 297 8.91 -25.40 3.95
CA TRP B 297 7.86 -26.30 4.41
C TRP B 297 8.43 -27.64 4.84
N GLY B 298 7.83 -28.20 5.90
CA GLY B 298 8.07 -29.57 6.30
C GLY B 298 6.76 -30.27 6.57
N ASP B 299 6.87 -31.54 6.98
CA ASP B 299 5.69 -32.29 7.35
C ASP B 299 5.08 -31.79 8.64
N ASP B 300 5.91 -31.27 9.54
CA ASP B 300 5.46 -30.79 10.84
C ASP B 300 6.05 -29.44 11.20
N PHE B 301 6.51 -28.68 10.22
CA PHE B 301 6.89 -27.30 10.48
C PHE B 301 6.59 -26.44 9.27
N ILE B 302 6.48 -25.14 9.53
CA ILE B 302 6.58 -24.11 8.52
C ILE B 302 7.57 -23.09 9.05
N ALA B 303 8.46 -22.60 8.20
CA ALA B 303 9.44 -21.59 8.62
C ALA B 303 9.43 -20.42 7.65
N CYS B 304 9.71 -19.24 8.19
CA CYS B 304 9.77 -18.02 7.39
C CYS B 304 11.01 -17.23 7.73
N THR B 305 11.75 -16.84 6.68
CA THR B 305 12.99 -16.08 6.79
C THR B 305 12.78 -14.74 6.09
N HIS B 306 13.29 -13.70 6.73
CA HIS B 306 13.13 -12.33 6.21
C HIS B 306 13.60 -12.16 4.78
N GLY B 307 12.81 -11.42 4.02
CA GLY B 307 13.18 -10.97 2.67
C GLY B 307 12.55 -9.60 2.56
N GLU B 308 12.85 -8.84 1.52
CA GLU B 308 12.32 -7.47 1.39
C GLU B 308 10.83 -7.59 1.08
N LEU B 309 10.01 -6.86 1.81
CA LEU B 309 8.55 -7.04 1.75
C LEU B 309 7.92 -6.02 0.82
N LYS B 310 7.04 -6.51 -0.06
CA LYS B 310 6.29 -5.70 -1.01
C LYS B 310 4.81 -5.93 -0.81
N ALA B 311 4.02 -4.89 -1.03
CA ALA B 311 2.59 -4.96 -0.78
C ALA B 311 1.92 -5.94 -1.75
N VAL B 312 0.75 -6.45 -1.31
CA VAL B 312 -0.06 -7.32 -2.14
C VAL B 312 -1.47 -6.74 -2.24
N ASP B 313 -2.18 -7.18 -3.28
CA ASP B 313 -3.60 -6.90 -3.49
C ASP B 313 -4.25 -8.25 -3.75
N MET B 314 -5.00 -8.76 -2.78
CA MET B 314 -5.48 -10.13 -2.87
C MET B 314 -6.86 -10.28 -2.23
N ASP B 315 -7.65 -11.19 -2.81
CA ASP B 315 -8.84 -11.71 -2.16
C ASP B 315 -8.42 -12.61 -0.99
N MET B 316 -8.87 -12.28 0.22
CA MET B 316 -8.45 -13.00 1.42
C MET B 316 -9.57 -13.83 2.03
N ASN B 317 -10.62 -14.11 1.25
CA ASN B 317 -11.78 -14.81 1.81
C ASN B 317 -11.42 -16.21 2.30
N HIS B 318 -10.37 -16.80 1.77
CA HIS B 318 -9.95 -18.14 2.15
C HIS B 318 -9.16 -18.17 3.46
N ILE B 319 -8.73 -17.01 3.97
CA ILE B 319 -7.95 -16.91 5.21
C ILE B 319 -8.38 -15.68 6.00
N PRO B 320 -9.65 -15.55 6.35
CA PRO B 320 -10.11 -14.28 6.95
C PRO B 320 -9.45 -13.92 8.27
N ASP B 321 -9.06 -14.91 9.08
CA ASP B 321 -8.48 -14.62 10.38
C ASP B 321 -7.01 -14.26 10.25
N ALA B 322 -6.23 -15.12 9.60
CA ALA B 322 -4.82 -14.81 9.36
C ALA B 322 -4.66 -13.57 8.48
N ALA B 323 -5.66 -13.21 7.69
CA ALA B 323 -5.56 -12.00 6.88
C ALA B 323 -5.31 -10.76 7.73
N MET B 324 -5.86 -10.73 8.95
CA MET B 324 -5.61 -9.58 9.81
C MET B 324 -4.12 -9.38 10.05
N THR B 325 -3.35 -10.48 10.11
CA THR B 325 -1.91 -10.37 10.29
C THR B 325 -1.25 -9.67 9.11
N ILE B 326 -1.76 -9.90 7.90
CA ILE B 326 -1.23 -9.17 6.75
C ILE B 326 -1.52 -7.69 6.89
N ALA B 327 -2.64 -7.33 7.51
CA ALA B 327 -2.98 -5.92 7.63
C ALA B 327 -1.91 -5.16 8.44
N THR B 328 -1.37 -5.79 9.50
CA THR B 328 -0.31 -5.06 10.21
C THR B 328 1.06 -5.34 9.59
N ALA B 329 1.26 -6.51 8.99
CA ALA B 329 2.54 -6.74 8.30
C ALA B 329 2.71 -5.74 7.17
N ALA B 330 1.59 -5.28 6.60
CA ALA B 330 1.64 -4.32 5.52
C ALA B 330 2.33 -3.02 5.92
N LEU B 331 2.35 -2.72 7.22
CA LEU B 331 3.06 -1.53 7.69
C LEU B 331 4.53 -1.56 7.34
N PHE B 332 5.09 -2.76 7.11
CA PHE B 332 6.51 -2.95 6.86
C PHE B 332 6.81 -3.22 5.39
N ALA B 333 5.80 -3.17 4.53
CA ALA B 333 5.97 -3.49 3.12
C ALA B 333 6.00 -2.20 2.29
N GLN B 334 6.58 -2.32 1.11
CA GLN B 334 6.65 -1.22 0.16
CA GLN B 334 6.64 -1.21 0.15
C GLN B 334 5.37 -1.20 -0.67
N GLY B 335 4.67 -0.07 -0.66
CA GLY B 335 3.46 0.11 -1.43
C GLY B 335 2.20 -0.06 -0.59
N THR B 336 1.07 0.01 -1.28
CA THR B 336 -0.24 -0.08 -0.66
C THR B 336 -0.79 -1.50 -0.76
N THR B 337 -1.16 -2.08 0.38
CA THR B 337 -1.73 -3.42 0.44
C THR B 337 -3.25 -3.33 0.45
N THR B 338 -3.90 -4.16 -0.36
CA THR B 338 -5.36 -4.24 -0.37
C THR B 338 -5.78 -5.66 -0.05
N LEU B 339 -6.68 -5.81 0.94
CA LEU B 339 -7.24 -7.10 1.33
C LEU B 339 -8.72 -7.07 0.99
N ARG B 340 -9.14 -7.96 0.09
CA ARG B 340 -10.49 -7.94 -0.45
C ARG B 340 -11.33 -9.12 0.00
N ASN B 341 -12.65 -8.92 -0.06
CA ASN B 341 -13.63 -10.00 0.13
C ASN B 341 -13.60 -10.53 1.56
N ILE B 342 -13.61 -9.59 2.51
CA ILE B 342 -13.55 -9.86 3.94
C ILE B 342 -14.70 -9.20 4.68
N TYR B 343 -15.88 -9.17 4.06
CA TYR B 343 -17.04 -8.53 4.69
C TYR B 343 -17.29 -9.07 6.10
N ASN B 344 -17.16 -10.40 6.32
CA ASN B 344 -17.57 -10.90 7.63
C ASN B 344 -16.61 -10.55 8.75
N TRP B 345 -15.49 -9.87 8.47
CA TRP B 345 -14.77 -9.18 9.53
C TRP B 345 -15.72 -8.36 10.39
N ARG B 346 -16.80 -7.85 9.80
CA ARG B 346 -17.69 -6.95 10.53
C ARG B 346 -18.53 -7.66 11.59
N VAL B 347 -18.69 -8.99 11.52
CA VAL B 347 -19.61 -9.71 12.39
C VAL B 347 -18.88 -10.68 13.32
N LYS B 348 -17.60 -10.43 13.57
CA LYS B 348 -16.76 -11.34 14.41
C LYS B 348 -16.58 -10.75 15.81
N GLU B 349 -15.44 -10.94 16.46
CA GLU B 349 -15.24 -10.53 17.88
C GLU B 349 -15.59 -9.05 18.03
N THR B 350 -15.21 -8.26 17.04
CA THR B 350 -15.65 -6.88 16.92
C THR B 350 -15.90 -6.65 15.43
N ASP B 351 -16.33 -5.45 15.05
CA ASP B 351 -16.30 -5.10 13.63
C ASP B 351 -14.84 -4.83 13.28
N ARG B 352 -14.19 -5.83 12.69
CA ARG B 352 -12.75 -5.75 12.50
C ARG B 352 -12.35 -4.81 11.37
N LEU B 353 -13.21 -4.54 10.41
CA LEU B 353 -12.85 -3.53 9.41
C LEU B 353 -12.76 -2.16 10.07
N PHE B 354 -13.74 -1.81 10.91
CA PHE B 354 -13.67 -0.55 11.63
C PHE B 354 -12.47 -0.51 12.57
N ALA B 355 -12.27 -1.59 13.34
CA ALA B 355 -11.24 -1.57 14.37
C ALA B 355 -9.85 -1.54 13.75
N MET B 356 -9.61 -2.40 12.75
CA MET B 356 -8.31 -2.42 12.11
C MET B 356 -7.99 -1.07 11.47
N ALA B 357 -8.98 -0.48 10.78
CA ALA B 357 -8.70 0.81 10.16
C ALA B 357 -8.38 1.87 11.22
N THR B 358 -9.17 1.92 12.29
CA THR B 358 -8.98 2.92 13.33
C THR B 358 -7.60 2.81 13.96
N GLU B 359 -7.20 1.59 14.32
CA GLU B 359 -5.93 1.45 15.02
C GLU B 359 -4.74 1.59 14.09
N LEU B 360 -4.85 1.12 12.84
CA LEU B 360 -3.76 1.32 11.89
C LEU B 360 -3.50 2.81 11.66
N ARG B 361 -4.56 3.63 11.60
CA ARG B 361 -4.33 5.05 11.43
C ARG B 361 -3.55 5.65 12.60
N LYS B 362 -3.79 5.14 13.82
CA LYS B 362 -3.02 5.66 14.95
C LYS B 362 -1.51 5.46 14.82
N VAL B 363 -1.07 4.39 14.16
CA VAL B 363 0.37 4.19 13.98
C VAL B 363 0.89 4.89 12.73
N GLY B 364 0.02 5.60 12.01
CA GLY B 364 0.43 6.46 10.93
C GLY B 364 0.01 6.00 9.55
N ALA B 365 -0.63 4.84 9.42
CA ALA B 365 -1.02 4.38 8.09
C ALA B 365 -2.18 5.20 7.55
N GLU B 366 -2.22 5.34 6.23
CA GLU B 366 -3.39 5.85 5.54
CA GLU B 366 -3.39 5.85 5.54
C GLU B 366 -4.24 4.64 5.17
N VAL B 367 -5.50 4.66 5.57
CA VAL B 367 -6.35 3.49 5.45
C VAL B 367 -7.66 3.87 4.79
N GLU B 368 -8.03 3.13 3.76
CA GLU B 368 -9.38 3.16 3.22
C GLU B 368 -10.13 1.97 3.79
N GLU B 369 -11.16 2.24 4.59
CA GLU B 369 -12.04 1.22 5.14
C GLU B 369 -13.17 1.00 4.14
N GLY B 370 -13.03 -0.01 3.30
CA GLY B 370 -14.09 -0.37 2.39
C GLY B 370 -15.19 -1.14 3.08
N GLU B 371 -16.31 -1.29 2.36
CA GLU B 371 -17.42 -2.06 2.93
C GLU B 371 -16.99 -3.49 3.21
N ASP B 372 -16.19 -4.08 2.31
CA ASP B 372 -15.77 -5.47 2.42
C ASP B 372 -14.29 -5.64 2.06
N TYR B 373 -13.50 -4.58 2.22
CA TYR B 373 -12.08 -4.61 1.90
C TYR B 373 -11.40 -3.54 2.73
N ILE B 374 -10.07 -3.63 2.81
CA ILE B 374 -9.28 -2.60 3.48
C ILE B 374 -8.03 -2.33 2.64
N ARG B 375 -7.67 -1.06 2.52
CA ARG B 375 -6.48 -0.65 1.77
C ARG B 375 -5.58 0.12 2.73
N ILE B 376 -4.31 -0.28 2.79
CA ILE B 376 -3.37 0.16 3.82
C ILE B 376 -2.11 0.69 3.15
N THR B 377 -1.79 1.97 3.38
CA THR B 377 -0.57 2.59 2.92
C THR B 377 0.30 2.91 4.12
N PRO B 378 1.50 2.36 4.24
CA PRO B 378 2.30 2.60 5.45
C PRO B 378 2.75 4.05 5.56
N PRO B 379 3.00 4.52 6.76
CA PRO B 379 3.67 5.82 6.91
C PRO B 379 5.15 5.66 6.60
N ALA B 380 5.81 6.80 6.39
CA ALA B 380 7.26 6.78 6.26
C ALA B 380 7.91 6.30 7.55
N LYS B 381 7.33 6.67 8.69
CA LYS B 381 7.83 6.33 10.01
C LYS B 381 6.67 5.94 10.90
N LEU B 382 6.75 4.77 11.52
CA LEU B 382 5.69 4.33 12.41
C LEU B 382 5.63 5.21 13.65
N LYS B 383 4.41 5.47 14.10
CA LYS B 383 4.12 6.30 15.26
CA LYS B 383 4.15 6.30 15.26
C LYS B 383 3.79 5.42 16.46
N TYR B 384 4.20 5.88 17.64
CA TYR B 384 3.78 5.25 18.88
C TYR B 384 2.28 5.44 19.06
N ALA B 385 1.61 4.36 19.45
CA ALA B 385 0.20 4.43 19.79
C ALA B 385 -0.12 3.45 20.91
N GLU B 386 -1.18 3.80 21.65
CA GLU B 386 -1.89 2.88 22.51
C GLU B 386 -3.02 2.27 21.69
N ILE B 387 -2.98 0.97 21.52
CA ILE B 387 -3.87 0.26 20.62
C ILE B 387 -5.06 -0.28 21.42
N GLY B 388 -6.26 0.16 21.07
CA GLY B 388 -7.46 -0.46 21.57
C GLY B 388 -7.66 -1.82 20.92
N THR B 389 -8.11 -2.79 21.72
CA THR B 389 -8.20 -4.16 21.24
C THR B 389 -9.62 -4.73 21.16
N TYR B 390 -10.64 -3.98 21.58
CA TYR B 390 -12.02 -4.28 21.22
C TYR B 390 -12.46 -5.68 21.68
N ASN B 391 -11.90 -6.15 22.79
CA ASN B 391 -12.10 -7.53 23.28
CA ASN B 391 -12.17 -7.51 23.26
C ASN B 391 -11.90 -8.55 22.16
N ASP B 392 -10.86 -8.33 21.36
CA ASP B 392 -10.55 -9.15 20.21
C ASP B 392 -9.09 -9.58 20.27
N HIS B 393 -8.85 -10.82 20.69
CA HIS B 393 -7.53 -11.43 20.71
C HIS B 393 -6.64 -11.05 19.53
N ARG B 394 -7.20 -11.05 18.33
CA ARG B 394 -6.34 -10.82 17.14
C ARG B 394 -5.94 -9.34 17.00
N MET B 395 -6.73 -8.41 17.52
CA MET B 395 -6.25 -7.04 17.51
C MET B 395 -4.96 -6.94 18.33
N ALA B 396 -4.94 -7.57 19.50
CA ALA B 396 -3.74 -7.55 20.33
C ALA B 396 -2.57 -8.22 19.61
N MET B 397 -2.80 -9.40 19.04
CA MET B 397 -1.69 -10.13 18.44
C MET B 397 -1.21 -9.46 17.14
N CYS B 398 -2.12 -8.97 16.32
CA CYS B 398 -1.69 -8.29 15.11
C CYS B 398 -0.87 -7.06 15.41
N PHE B 399 -1.31 -6.25 16.39
CA PHE B 399 -0.58 -5.01 16.64
C PHE B 399 0.71 -5.23 17.42
N SER B 400 0.92 -6.41 18.01
CA SER B 400 2.23 -6.68 18.58
C SER B 400 3.34 -6.51 17.56
N LEU B 401 3.04 -6.72 16.27
CA LEU B 401 4.06 -6.65 15.23
C LEU B 401 4.60 -5.24 15.04
N VAL B 402 3.86 -4.22 15.48
CA VAL B 402 4.37 -2.85 15.39
C VAL B 402 5.71 -2.72 16.10
N ALA B 403 5.94 -3.51 17.16
CA ALA B 403 7.19 -3.40 17.92
C ALA B 403 8.39 -3.94 17.17
N LEU B 404 8.23 -4.52 15.99
CA LEU B 404 9.35 -4.92 15.13
C LEU B 404 9.85 -3.74 14.32
N SER B 405 9.96 -2.61 14.97
CA SER B 405 10.25 -1.35 14.32
C SER B 405 11.07 -0.57 15.31
N ASP B 406 11.27 0.71 15.02
CA ASP B 406 11.96 1.59 15.93
C ASP B 406 11.03 2.27 16.92
N THR B 407 9.75 1.85 16.98
CA THR B 407 8.87 2.42 17.99
C THR B 407 8.25 1.33 18.86
N PRO B 408 8.10 1.57 20.16
CA PRO B 408 7.29 0.68 20.98
C PRO B 408 5.84 0.76 20.55
N VAL B 409 5.07 -0.19 21.05
CA VAL B 409 3.62 -0.13 20.92
C VAL B 409 3.05 -0.52 22.27
N THR B 410 1.92 0.08 22.64
CA THR B 410 1.22 -0.31 23.85
C THR B 410 -0.10 -0.97 23.47
N ILE B 411 -0.31 -2.17 23.98
CA ILE B 411 -1.50 -2.98 23.71
C ILE B 411 -2.41 -2.84 24.92
N LEU B 412 -3.61 -2.30 24.72
CA LEU B 412 -4.57 -2.23 25.80
C LEU B 412 -5.27 -3.58 25.96
N ASP B 413 -5.60 -3.91 27.21
CA ASP B 413 -6.29 -5.15 27.55
C ASP B 413 -5.59 -6.38 26.92
N PRO B 414 -4.29 -6.54 27.17
CA PRO B 414 -3.56 -7.63 26.51
C PRO B 414 -4.07 -9.03 26.83
N LYS B 415 -4.77 -9.20 27.96
CA LYS B 415 -5.29 -10.52 28.31
C LYS B 415 -6.38 -10.98 27.36
N CYS B 416 -6.88 -10.12 26.48
CA CYS B 416 -7.87 -10.58 25.52
C CYS B 416 -7.29 -11.64 24.58
N THR B 417 -5.95 -11.77 24.51
CA THR B 417 -5.41 -12.85 23.69
C THR B 417 -5.88 -14.22 24.16
N ALA B 418 -6.34 -14.34 25.41
CA ALA B 418 -6.72 -15.64 25.96
C ALA B 418 -7.88 -16.28 25.24
N LYS B 419 -8.61 -15.57 24.37
CA LYS B 419 -9.67 -16.24 23.62
C LYS B 419 -9.11 -17.45 22.87
N THR B 420 -7.90 -17.33 22.29
CA THR B 420 -7.26 -18.42 21.57
C THR B 420 -5.81 -18.66 21.96
N PHE B 421 -5.17 -17.76 22.69
CA PHE B 421 -3.72 -17.88 22.86
C PHE B 421 -3.28 -17.15 24.12
N PRO B 422 -3.58 -17.72 25.29
CA PRO B 422 -3.26 -17.02 26.55
C PRO B 422 -1.81 -16.59 26.67
N ASP B 423 -0.86 -17.40 26.20
CA ASP B 423 0.56 -17.13 26.41
C ASP B 423 1.22 -16.48 25.21
N TYR B 424 0.45 -15.81 24.36
CA TYR B 424 1.01 -15.20 23.15
C TYR B 424 2.23 -14.33 23.43
N PHE B 425 2.13 -13.40 24.38
CA PHE B 425 3.20 -12.42 24.52
C PHE B 425 4.48 -13.06 25.03
N GLU B 426 4.37 -14.05 25.92
CA GLU B 426 5.54 -14.80 26.37
C GLU B 426 6.19 -15.56 25.21
N GLN B 427 5.36 -16.16 24.35
CA GLN B 427 5.90 -16.88 23.20
CA GLN B 427 5.90 -16.88 23.20
C GLN B 427 6.61 -15.92 22.25
N LEU B 428 6.05 -14.73 22.03
CA LEU B 428 6.72 -13.74 21.21
C LEU B 428 8.04 -13.32 21.85
N ALA B 429 8.04 -13.10 23.17
CA ALA B 429 9.25 -12.69 23.85
C ALA B 429 10.36 -13.74 23.69
N ARG B 430 10.00 -15.02 23.71
CA ARG B 430 11.01 -16.08 23.61
C ARG B 430 11.81 -16.02 22.33
N ILE B 431 11.24 -15.49 21.24
CA ILE B 431 11.97 -15.39 19.97
C ILE B 431 12.51 -13.99 19.71
N SER B 432 12.33 -13.06 20.64
CA SER B 432 12.68 -11.66 20.43
C SER B 432 14.04 -11.33 21.01
N THR B 433 14.84 -10.57 20.27
CA THR B 433 16.02 -9.89 20.79
C THR B 433 15.69 -8.40 20.79
N LEU B 434 15.69 -7.79 21.97
CA LEU B 434 15.29 -6.40 22.08
C LEU B 434 16.38 -5.46 21.57
N ALA B 435 15.95 -4.33 21.01
CA ALA B 435 16.88 -3.30 20.56
C ALA B 435 17.46 -2.55 21.77
#